data_3CH6
#
_entry.id   3CH6
#
_cell.length_a   74.500
_cell.length_b   94.300
_cell.length_c   167.000
_cell.angle_alpha   90.000
_cell.angle_beta   90.000
_cell.angle_gamma   90.000
#
_symmetry.space_group_name_H-M   'P 21 21 21'
#
loop_
_entity.id
_entity.type
_entity.pdbx_description
1 polymer 'Corticosteroid 11-beta-dehydrogenase isozyme 1'
2 non-polymer 'NADP NICOTINAMIDE-ADENINE-DINUCLEOTIDE PHOSPHATE'
3 non-polymer (3,3-dimethylpiperidin-1-yl)(6-(3-fluoro-4-methylphenyl)pyridin-2-yl)methanone
4 water water
#
_entity_poly.entity_id   1
_entity_poly.type   'polypeptide(L)'
_entity_poly.pdbx_seq_one_letter_code
;GSHMASMTGGQQMGRGSNEEFRPEMLQGKKVIVTGASKGIGREMAYHLAKMGAHVVVTARSKETLQKVVSHCLELGAASA
HYIAGTMEDMTFAEQFVAQAGKLMGGLDMLILNHITNTSLNLFHDDIHHVRKSMEVNFLSYVVLTVAALPMLKQSNGSIV
VVSSLAGKVAYPMVAAYSASKFALDGFFSSIRKEYSVSRVNVSITLCVLGLIDTETAMKAVSGIVHMQAAPKEECALEII
KGGALRQEEVYYDSSRWTTLLIRNPCRKILEELYSTSYNMDRFINK
;
_entity_poly.pdbx_strand_id   A,B,D,E
#
loop_
_chem_comp.id
_chem_comp.type
_chem_comp.name
_chem_comp.formula
311 non-polymer (3,3-dimethylpiperidin-1-yl)(6-(3-fluoro-4-methylphenyl)pyridin-2-yl)methanone 'C20 H23 F N2 O'
NAP non-polymer 'NADP NICOTINAMIDE-ADENINE-DINUCLEOTIDE PHOSPHATE' 'C21 H28 N7 O17 P3'
#
# COMPACT_ATOMS: atom_id res chain seq x y z
N GLU A 20 19.96 -10.73 14.10
CA GLU A 20 21.37 -10.68 13.76
C GLU A 20 21.99 -12.06 13.57
N PHE A 21 22.31 -12.37 12.33
CA PHE A 21 22.93 -13.62 11.98
C PHE A 21 24.40 -13.78 12.44
N ARG A 22 24.71 -14.97 12.89
CA ARG A 22 26.06 -15.36 13.22
C ARG A 22 26.21 -16.75 12.62
N PRO A 23 27.34 -17.00 11.97
CA PRO A 23 27.65 -18.30 11.33
C PRO A 23 27.52 -19.46 12.30
N GLU A 24 27.78 -19.20 13.58
CA GLU A 24 27.70 -20.20 14.63
C GLU A 24 26.31 -20.82 14.74
N MET A 25 25.31 -20.11 14.23
CA MET A 25 23.92 -20.59 14.25
C MET A 25 23.77 -21.88 13.42
N LEU A 26 24.62 -22.07 12.41
CA LEU A 26 24.57 -23.30 11.60
C LEU A 26 25.51 -24.45 12.10
N GLN A 27 26.41 -24.10 13.01
CA GLN A 27 27.35 -25.08 13.55
C GLN A 27 26.65 -26.29 14.12
N GLY A 28 26.91 -27.46 13.57
CA GLY A 28 26.29 -28.68 14.08
C GLY A 28 24.86 -28.98 13.68
N LYS A 29 24.29 -28.11 12.86
CA LYS A 29 22.94 -28.25 12.32
C LYS A 29 22.94 -29.26 11.21
N LYS A 30 21.88 -30.05 11.16
CA LYS A 30 21.67 -31.03 10.13
C LYS A 30 20.78 -30.40 9.05
N VAL A 31 21.39 -30.30 7.86
CA VAL A 31 20.87 -29.62 6.68
C VAL A 31 20.89 -30.36 5.33
N ILE A 32 19.75 -30.29 4.66
CA ILE A 32 19.52 -30.84 3.35
C ILE A 32 19.51 -29.64 2.40
N VAL A 33 20.20 -29.78 1.27
CA VAL A 33 20.19 -28.79 0.17
C VAL A 33 19.88 -29.59 -1.11
N THR A 34 18.82 -29.21 -1.82
CA THR A 34 18.48 -29.91 -3.06
C THR A 34 19.06 -29.03 -4.16
N GLY A 35 19.12 -29.56 -5.39
CA GLY A 35 19.70 -28.84 -6.52
C GLY A 35 21.05 -28.26 -6.09
N ALA A 36 21.83 -29.09 -5.41
CA ALA A 36 23.10 -28.70 -4.82
C ALA A 36 24.35 -29.00 -5.61
N SER A 37 24.21 -29.47 -6.86
CA SER A 37 25.39 -29.80 -7.66
C SER A 37 25.97 -28.59 -8.40
N LYS A 38 25.19 -27.53 -8.48
CA LYS A 38 25.62 -26.33 -9.20
C LYS A 38 24.84 -25.19 -8.65
N GLY A 39 25.21 -24.01 -9.15
CA GLY A 39 24.65 -22.71 -8.85
C GLY A 39 24.59 -22.32 -7.40
N ILE A 40 23.42 -21.84 -7.02
CA ILE A 40 23.17 -21.35 -5.70
C ILE A 40 23.21 -22.47 -4.69
N GLY A 41 22.67 -23.63 -5.06
CA GLY A 41 22.60 -24.79 -4.18
C GLY A 41 23.99 -25.22 -3.80
N ARG A 42 24.87 -25.34 -4.79
CA ARG A 42 26.26 -25.65 -4.48
C ARG A 42 26.88 -24.58 -3.56
N GLU A 43 26.65 -23.29 -3.83
CA GLU A 43 27.16 -22.23 -2.94
C GLU A 43 26.67 -22.40 -1.53
N MET A 44 25.39 -22.77 -1.37
CA MET A 44 24.81 -22.94 -0.04
C MET A 44 25.45 -24.10 0.67
N ALA A 45 25.76 -25.13 -0.07
CA ALA A 45 26.45 -26.27 0.52
C ALA A 45 27.81 -25.83 1.10
N TYR A 46 28.57 -25.09 0.30
CA TYR A 46 29.88 -24.59 0.69
C TYR A 46 29.85 -23.69 1.89
N HIS A 47 28.86 -22.80 1.96
CA HIS A 47 28.72 -21.91 3.12
C HIS A 47 28.43 -22.69 4.37
N LEU A 48 27.51 -23.66 4.27
CA LEU A 48 27.14 -24.46 5.43
C LEU A 48 28.33 -25.29 5.86
N ALA A 49 29.11 -25.73 4.89
CA ALA A 49 30.32 -26.50 5.18
C ALA A 49 31.28 -25.70 6.06
N LYS A 50 31.49 -24.44 5.72
CA LYS A 50 32.36 -23.52 6.46
C LYS A 50 31.84 -23.24 7.84
N MET A 51 30.53 -23.29 7.99
CA MET A 51 29.85 -22.98 9.25
C MET A 51 29.83 -24.14 10.21
N GLY A 52 30.32 -25.28 9.74
CA GLY A 52 30.37 -26.48 10.57
C GLY A 52 29.06 -27.24 10.64
N ALA A 53 28.29 -27.21 9.57
CA ALA A 53 27.02 -27.91 9.62
C ALA A 53 27.14 -29.33 9.05
N HIS A 54 26.16 -30.17 9.36
CA HIS A 54 26.12 -31.51 8.77
C HIS A 54 25.32 -31.31 7.51
N VAL A 55 25.78 -31.84 6.38
CA VAL A 55 25.06 -31.67 5.13
C VAL A 55 24.80 -32.91 4.27
N VAL A 56 23.65 -32.88 3.60
CA VAL A 56 23.27 -33.95 2.68
C VAL A 56 22.74 -33.18 1.47
N VAL A 57 23.50 -33.22 0.38
CA VAL A 57 23.17 -32.53 -0.86
C VAL A 57 22.57 -33.51 -1.85
N THR A 58 21.71 -33.02 -2.76
CA THR A 58 21.09 -33.85 -3.79
C THR A 58 20.97 -33.12 -5.15
N ALA A 59 20.85 -33.92 -6.19
CA ALA A 59 20.74 -33.49 -7.59
C ALA A 59 20.89 -34.79 -8.37
N ARG A 60 20.80 -34.73 -9.68
CA ARG A 60 20.89 -35.95 -10.44
C ARG A 60 22.33 -36.44 -10.65
N SER A 61 23.25 -35.51 -10.82
CA SER A 61 24.65 -35.83 -11.11
C SER A 61 25.52 -36.35 -9.95
N LYS A 62 25.61 -37.68 -9.85
CA LYS A 62 26.37 -38.33 -8.80
C LYS A 62 27.80 -37.80 -8.74
N GLU A 63 28.46 -37.72 -9.91
CA GLU A 63 29.85 -37.27 -10.01
C GLU A 63 30.12 -35.86 -9.52
N THR A 64 29.19 -34.96 -9.87
CA THR A 64 29.33 -33.58 -9.45
C THR A 64 29.09 -33.51 -7.95
N LEU A 65 28.04 -34.20 -7.50
CA LEU A 65 27.73 -34.27 -6.06
C LEU A 65 28.95 -34.72 -5.26
N GLN A 66 29.64 -35.76 -5.76
CA GLN A 66 30.87 -36.28 -5.13
C GLN A 66 31.92 -35.19 -4.94
N LYS A 67 32.09 -34.37 -5.96
CA LYS A 67 33.04 -33.27 -5.89
C LYS A 67 32.57 -32.26 -4.85
N VAL A 68 31.27 -31.93 -4.89
CA VAL A 68 30.75 -30.94 -3.92
C VAL A 68 31.00 -31.49 -2.54
N VAL A 69 30.60 -32.75 -2.32
CA VAL A 69 30.77 -33.40 -1.01
C VAL A 69 32.21 -33.34 -0.49
N SER A 70 33.14 -33.70 -1.37
CA SER A 70 34.58 -33.63 -1.07
C SER A 70 35.02 -32.21 -0.72
N HIS A 71 34.67 -31.23 -1.54
CA HIS A 71 35.00 -29.86 -1.20
C HIS A 71 34.41 -29.38 0.14
N CYS A 72 33.23 -29.88 0.49
CA CYS A 72 32.53 -29.48 1.73
C CYS A 72 33.29 -29.98 2.94
N LEU A 73 33.78 -31.23 2.83
CA LEU A 73 34.54 -31.83 3.91
C LEU A 73 35.81 -31.01 4.07
N GLU A 74 36.36 -30.58 2.93
CA GLU A 74 37.56 -29.73 2.88
C GLU A 74 37.30 -28.42 3.60
N LEU A 75 36.13 -27.84 3.34
CA LEU A 75 35.77 -26.56 3.92
C LEU A 75 35.49 -26.63 5.40
N GLY A 76 35.36 -27.84 5.94
CA GLY A 76 35.09 -27.95 7.37
C GLY A 76 33.70 -28.40 7.83
N ALA A 77 32.96 -29.07 6.94
CA ALA A 77 31.64 -29.57 7.28
C ALA A 77 31.78 -30.65 8.37
N ALA A 78 30.87 -30.64 9.34
CA ALA A 78 30.88 -31.61 10.42
C ALA A 78 30.69 -33.01 9.83
N SER A 79 29.95 -33.10 8.74
CA SER A 79 29.77 -34.36 8.03
C SER A 79 29.13 -33.97 6.69
N ALA A 80 29.37 -34.75 5.65
CA ALA A 80 28.82 -34.41 4.35
C ALA A 80 28.56 -35.65 3.49
N HIS A 81 27.35 -35.74 2.94
CA HIS A 81 26.95 -36.85 2.08
C HIS A 81 26.12 -36.34 0.91
N TYR A 82 26.00 -37.16 -0.12
CA TYR A 82 25.13 -36.85 -1.23
C TYR A 82 24.29 -38.08 -1.51
N ILE A 83 23.10 -37.89 -2.06
CA ILE A 83 22.27 -38.99 -2.53
C ILE A 83 21.79 -38.47 -3.88
N ALA A 84 22.14 -39.18 -4.96
CA ALA A 84 21.74 -38.78 -6.33
C ALA A 84 20.35 -39.30 -6.76
N GLY A 85 19.57 -38.48 -7.43
CA GLY A 85 18.24 -38.85 -7.89
C GLY A 85 17.51 -37.71 -8.60
N THR A 86 16.44 -38.06 -9.29
CA THR A 86 15.62 -37.05 -9.98
C THR A 86 14.37 -36.64 -9.18
N MET A 87 14.16 -35.35 -9.03
CA MET A 87 13.00 -34.88 -8.28
C MET A 87 11.70 -34.99 -9.12
N GLU A 88 11.79 -35.64 -10.28
CA GLU A 88 10.60 -35.91 -11.11
C GLU A 88 9.92 -37.09 -10.51
N ASP A 89 10.68 -37.84 -9.72
CA ASP A 89 10.26 -39.09 -9.12
C ASP A 89 9.92 -38.83 -7.66
N MET A 90 8.62 -38.82 -7.38
CA MET A 90 8.11 -38.52 -6.03
C MET A 90 8.47 -39.54 -4.99
N THR A 91 8.67 -40.77 -5.44
CA THR A 91 9.08 -41.85 -4.55
C THR A 91 10.55 -41.61 -4.17
N PHE A 92 11.37 -41.22 -5.13
CA PHE A 92 12.74 -40.89 -4.81
C PHE A 92 12.80 -39.78 -3.73
N ALA A 93 12.13 -38.65 -4.00
CA ALA A 93 12.06 -37.49 -3.09
C ALA A 93 11.73 -37.91 -1.66
N GLU A 94 10.73 -38.79 -1.55
CA GLU A 94 10.26 -39.24 -0.26
C GLU A 94 11.32 -40.06 0.50
N GLN A 95 11.99 -40.94 -0.24
CA GLN A 95 12.96 -41.86 0.34
C GLN A 95 14.27 -41.19 0.64
N PHE A 96 14.55 -40.15 -0.13
CA PHE A 96 15.75 -39.39 0.05
C PHE A 96 15.75 -38.69 1.41
N VAL A 97 14.62 -38.11 1.78
CA VAL A 97 14.51 -37.41 3.08
C VAL A 97 14.81 -38.37 4.24
N ALA A 98 14.13 -39.52 4.23
CA ALA A 98 14.30 -40.54 5.25
C ALA A 98 15.77 -40.99 5.34
N GLN A 99 16.35 -41.24 4.18
CA GLN A 99 17.74 -41.65 4.09
C GLN A 99 18.69 -40.57 4.52
N ALA A 100 18.41 -39.33 4.13
CA ALA A 100 19.22 -38.19 4.59
C ALA A 100 19.14 -38.03 6.12
N GLY A 101 17.93 -38.14 6.68
CA GLY A 101 17.75 -38.02 8.12
C GLY A 101 18.43 -39.12 8.95
N LYS A 102 18.45 -40.33 8.40
CA LYS A 102 19.14 -41.50 8.98
C LYS A 102 20.68 -41.29 9.03
N LEU A 103 21.24 -40.76 7.97
CA LEU A 103 22.67 -40.47 7.90
C LEU A 103 23.08 -39.45 8.95
N MET A 104 22.22 -38.46 9.19
CA MET A 104 22.57 -37.36 10.07
C MET A 104 22.01 -37.49 11.48
N GLY A 105 21.07 -38.41 11.66
CA GLY A 105 20.44 -38.64 12.95
C GLY A 105 19.43 -37.56 13.24
N GLY A 106 18.75 -37.08 12.19
CA GLY A 106 17.76 -36.01 12.31
C GLY A 106 17.92 -34.96 11.21
N LEU A 107 17.16 -33.86 11.36
CA LEU A 107 17.15 -32.78 10.39
C LEU A 107 16.74 -31.47 11.02
N ASP A 108 17.52 -30.43 10.78
CA ASP A 108 17.23 -29.07 11.33
C ASP A 108 16.71 -28.08 10.28
N MET A 109 17.15 -28.25 9.05
CA MET A 109 16.77 -27.34 8.02
C MET A 109 16.69 -28.07 6.70
N LEU A 110 15.59 -27.84 6.00
CA LEU A 110 15.31 -28.39 4.70
C LEU A 110 15.37 -27.26 3.68
N ILE A 111 16.43 -27.24 2.86
CA ILE A 111 16.56 -26.20 1.83
C ILE A 111 16.11 -26.69 0.47
N LEU A 112 14.96 -26.20 0.02
CA LEU A 112 14.34 -26.62 -1.23
C LEU A 112 14.75 -25.66 -2.34
N ASN A 113 15.60 -26.12 -3.28
CA ASN A 113 16.22 -25.22 -4.25
C ASN A 113 16.22 -25.64 -5.74
N HIS A 114 16.12 -26.94 -6.01
CA HIS A 114 16.07 -27.38 -7.40
C HIS A 114 14.86 -26.91 -8.23
N ILE A 115 15.07 -26.92 -9.53
CA ILE A 115 14.02 -26.66 -10.51
C ILE A 115 14.34 -27.47 -11.75
N THR A 116 13.31 -27.78 -12.52
CA THR A 116 13.51 -28.45 -13.80
C THR A 116 14.18 -27.44 -14.71
N ASN A 117 14.91 -27.92 -15.69
CA ASN A 117 15.66 -27.05 -16.59
C ASN A 117 14.71 -26.16 -17.39
N THR A 118 15.03 -24.87 -17.41
CA THR A 118 14.14 -23.95 -18.10
C THR A 118 14.81 -22.83 -18.92
N SER A 119 14.22 -22.48 -20.05
CA SER A 119 14.74 -21.35 -20.83
C SER A 119 13.62 -20.36 -21.11
N LEU A 120 14.02 -19.15 -21.50
CA LEU A 120 13.06 -18.12 -21.85
C LEU A 120 12.49 -18.41 -23.21
N ASN A 121 11.17 -18.54 -23.30
CA ASN A 121 10.52 -18.80 -24.59
C ASN A 121 9.06 -18.38 -24.48
N LEU A 122 8.49 -17.97 -25.59
CA LEU A 122 7.09 -17.62 -25.60
C LEU A 122 6.35 -18.93 -25.39
N PHE A 123 5.26 -18.90 -24.65
CA PHE A 123 4.46 -20.09 -24.46
C PHE A 123 3.58 -20.27 -25.72
N HIS A 124 3.59 -21.47 -26.31
CA HIS A 124 2.72 -21.72 -27.46
C HIS A 124 1.82 -22.91 -27.13
N ASP A 125 2.43 -24.10 -27.09
CA ASP A 125 1.68 -25.30 -26.78
C ASP A 125 2.49 -26.36 -26.03
N ASP A 126 3.50 -25.98 -25.29
CA ASP A 126 4.27 -27.02 -24.60
C ASP A 126 3.68 -27.33 -23.19
N ILE A 127 2.60 -28.10 -23.17
CA ILE A 127 1.91 -28.47 -21.94
C ILE A 127 2.78 -29.39 -21.07
N HIS A 128 3.68 -30.11 -21.72
CA HIS A 128 4.58 -31.03 -21.03
C HIS A 128 5.57 -30.26 -20.14
N HIS A 129 6.01 -29.11 -20.61
CA HIS A 129 6.91 -28.30 -19.82
C HIS A 129 6.18 -27.60 -18.66
N VAL A 130 4.91 -27.25 -18.87
CA VAL A 130 4.12 -26.63 -17.80
C VAL A 130 3.84 -27.69 -16.73
N ARG A 131 3.50 -28.91 -17.15
CA ARG A 131 3.28 -30.01 -16.20
C ARG A 131 4.55 -30.36 -15.42
N LYS A 132 5.66 -30.45 -16.14
CA LYS A 132 6.94 -30.88 -15.56
C LYS A 132 7.42 -29.85 -14.58
N SER A 133 7.24 -28.60 -14.96
CA SER A 133 7.59 -27.50 -14.07
C SER A 133 6.77 -27.54 -12.77
N MET A 134 5.48 -27.80 -12.86
CA MET A 134 4.65 -27.91 -11.66
C MET A 134 5.09 -29.10 -10.78
N GLU A 135 5.35 -30.24 -11.44
CA GLU A 135 5.79 -31.48 -10.78
C GLU A 135 7.11 -31.32 -9.99
N VAL A 136 8.14 -30.82 -10.67
CA VAL A 136 9.49 -30.64 -10.14
C VAL A 136 9.66 -29.40 -9.25
N ASN A 137 9.19 -28.27 -9.74
CA ASN A 137 9.43 -27.02 -9.02
C ASN A 137 8.46 -26.81 -7.88
N PHE A 138 7.33 -27.51 -7.89
CA PHE A 138 6.28 -27.34 -6.89
C PHE A 138 5.94 -28.62 -6.13
N LEU A 139 5.38 -29.59 -6.82
CA LEU A 139 4.99 -30.85 -6.21
C LEU A 139 6.04 -31.50 -5.37
N SER A 140 7.24 -31.63 -5.93
CA SER A 140 8.32 -32.30 -5.20
C SER A 140 8.68 -31.58 -3.92
N TYR A 141 8.44 -30.27 -3.87
CA TYR A 141 8.72 -29.48 -2.68
C TYR A 141 7.79 -29.90 -1.58
N VAL A 142 6.54 -30.16 -1.98
CA VAL A 142 5.51 -30.60 -1.04
C VAL A 142 5.79 -32.01 -0.51
N VAL A 143 6.15 -32.91 -1.41
CA VAL A 143 6.45 -34.29 -1.00
C VAL A 143 7.61 -34.24 0.00
N LEU A 144 8.64 -33.46 -0.33
CA LEU A 144 9.83 -33.33 0.52
C LEU A 144 9.47 -32.80 1.90
N THR A 145 8.62 -31.80 1.94
CA THR A 145 8.08 -31.23 3.17
C THR A 145 7.32 -32.28 4.01
N VAL A 146 6.37 -32.98 3.40
CA VAL A 146 5.63 -34.04 4.12
C VAL A 146 6.56 -35.06 4.74
N ALA A 147 7.54 -35.51 3.96
CA ALA A 147 8.53 -36.49 4.41
C ALA A 147 9.45 -35.96 5.53
N ALA A 148 9.84 -34.70 5.43
CA ALA A 148 10.73 -34.06 6.39
C ALA A 148 10.06 -33.63 7.71
N LEU A 149 8.76 -33.35 7.68
CA LEU A 149 8.03 -32.76 8.81
C LEU A 149 8.21 -33.38 10.19
N PRO A 150 8.07 -34.72 10.33
CA PRO A 150 8.26 -35.26 11.69
C PRO A 150 9.63 -34.94 12.32
N MET A 151 10.69 -34.96 11.50
CA MET A 151 12.02 -34.62 12.00
C MET A 151 12.16 -33.14 12.31
N LEU A 152 11.55 -32.30 11.50
CA LEU A 152 11.65 -30.85 11.70
C LEU A 152 10.85 -30.44 12.92
N LYS A 153 9.74 -31.14 13.15
CA LYS A 153 8.87 -30.95 14.31
C LYS A 153 9.61 -31.28 15.61
N GLN A 154 10.36 -32.37 15.55
CA GLN A 154 11.18 -32.85 16.65
C GLN A 154 12.31 -31.87 16.94
N SER A 155 12.84 -31.23 15.90
CA SER A 155 13.91 -30.26 16.10
C SER A 155 13.44 -28.78 16.17
N ASN A 156 12.17 -28.55 15.86
CA ASN A 156 11.67 -27.17 15.77
C ASN A 156 12.49 -26.47 14.67
N GLY A 157 12.71 -27.19 13.58
CA GLY A 157 13.55 -26.75 12.47
C GLY A 157 12.88 -25.81 11.50
N SER A 158 13.43 -25.78 10.30
CA SER A 158 13.05 -24.84 9.27
C SER A 158 12.95 -25.38 7.86
N ILE A 159 12.02 -24.82 7.09
CA ILE A 159 11.88 -25.10 5.68
C ILE A 159 12.26 -23.84 4.90
N VAL A 160 13.20 -23.98 3.98
CA VAL A 160 13.61 -22.81 3.19
C VAL A 160 13.22 -23.07 1.74
N VAL A 161 12.36 -22.21 1.20
CA VAL A 161 11.86 -22.41 -0.16
C VAL A 161 12.41 -21.38 -1.08
N VAL A 162 13.14 -21.82 -2.09
CA VAL A 162 13.76 -20.86 -3.01
C VAL A 162 12.83 -20.46 -4.14
N SER A 163 12.43 -19.20 -4.09
CA SER A 163 11.57 -18.65 -5.13
C SER A 163 12.30 -17.60 -5.98
N SER A 164 11.54 -16.68 -6.58
CA SER A 164 12.11 -15.73 -7.53
C SER A 164 11.20 -14.52 -7.55
N LEU A 165 11.68 -13.45 -8.15
CA LEU A 165 10.88 -12.24 -8.31
C LEU A 165 9.74 -12.67 -9.23
N ALA A 166 10.01 -13.61 -10.14
CA ALA A 166 8.98 -14.15 -11.04
C ALA A 166 7.93 -14.97 -10.33
N GLY A 167 8.01 -15.07 -9.01
CA GLY A 167 7.03 -15.81 -8.22
C GLY A 167 6.27 -14.80 -7.41
N LYS A 168 6.50 -13.52 -7.67
CA LYS A 168 5.81 -12.40 -6.97
C LYS A 168 5.12 -11.43 -7.97
N VAL A 169 5.71 -11.26 -9.15
CA VAL A 169 5.23 -10.35 -10.21
C VAL A 169 5.42 -11.07 -11.55
N ALA A 170 4.72 -10.64 -12.59
CA ALA A 170 4.75 -11.29 -13.89
C ALA A 170 5.85 -10.87 -14.87
N TYR A 171 6.35 -11.85 -15.63
CA TYR A 171 7.39 -11.59 -16.65
C TYR A 171 7.00 -12.41 -17.86
N PRO A 172 7.24 -11.87 -19.07
CA PRO A 172 6.95 -12.68 -20.26
C PRO A 172 8.02 -13.73 -20.37
N MET A 173 7.77 -14.82 -21.10
CA MET A 173 8.82 -15.80 -21.36
C MET A 173 9.13 -16.89 -20.36
N VAL A 174 8.43 -16.89 -19.23
CA VAL A 174 8.65 -17.90 -18.19
C VAL A 174 7.30 -18.20 -17.55
N ALA A 175 6.29 -18.39 -18.38
CA ALA A 175 4.94 -18.63 -17.89
C ALA A 175 4.83 -19.84 -16.93
N ALA A 176 5.34 -20.99 -17.39
CA ALA A 176 5.37 -22.25 -16.64
C ALA A 176 6.18 -22.17 -15.34
N TYR A 177 7.38 -21.65 -15.45
CA TYR A 177 8.26 -21.52 -14.31
C TYR A 177 7.58 -20.63 -13.23
N SER A 178 7.14 -19.47 -13.69
CA SER A 178 6.48 -18.47 -12.88
C SER A 178 5.20 -19.02 -12.20
N ALA A 179 4.43 -19.78 -12.95
CA ALA A 179 3.26 -20.48 -12.41
C ALA A 179 3.69 -21.31 -11.18
N SER A 180 4.73 -22.11 -11.37
CA SER A 180 5.28 -23.00 -10.31
C SER A 180 5.82 -22.27 -9.06
N LYS A 181 6.38 -21.06 -9.24
CA LYS A 181 6.91 -20.22 -8.14
C LYS A 181 5.78 -19.50 -7.43
N PHE A 182 4.76 -19.14 -8.21
CA PHE A 182 3.57 -18.51 -7.65
C PHE A 182 2.91 -19.52 -6.72
N ALA A 183 2.76 -20.75 -7.21
CA ALA A 183 2.15 -21.88 -6.48
C ALA A 183 2.78 -22.12 -5.10
N LEU A 184 4.11 -22.02 -5.05
CA LEU A 184 4.86 -22.24 -3.84
C LEU A 184 4.47 -21.21 -2.79
N ASP A 185 4.29 -19.97 -3.25
CA ASP A 185 3.88 -18.90 -2.33
C ASP A 185 2.52 -19.25 -1.73
N GLY A 186 1.53 -19.51 -2.60
CA GLY A 186 0.19 -19.86 -2.18
C GLY A 186 0.22 -21.10 -1.29
N PHE A 187 0.93 -22.17 -1.66
CA PHE A 187 0.98 -23.38 -0.83
C PHE A 187 1.68 -23.20 0.54
N PHE A 188 2.92 -22.73 0.49
CA PHE A 188 3.70 -22.53 1.71
C PHE A 188 3.25 -21.39 2.65
N SER A 189 2.56 -20.40 2.09
CA SER A 189 2.06 -19.32 2.89
C SER A 189 0.81 -19.79 3.61
N SER A 190 0.12 -20.78 3.03
CA SER A 190 -1.10 -21.31 3.67
C SER A 190 -0.74 -22.16 4.87
N ILE A 191 0.16 -23.10 4.67
CA ILE A 191 0.57 -24.00 5.75
C ILE A 191 1.29 -23.28 6.84
N ARG A 192 1.92 -22.15 6.50
CA ARG A 192 2.59 -21.35 7.53
C ARG A 192 1.55 -20.85 8.53
N LYS A 193 0.37 -20.45 8.03
CA LYS A 193 -0.70 -19.99 8.91
C LYS A 193 -1.30 -21.18 9.64
N GLU A 194 -1.35 -22.35 9.00
CA GLU A 194 -1.87 -23.53 9.67
C GLU A 194 -0.97 -23.94 10.85
N TYR A 195 0.34 -23.91 10.63
CA TYR A 195 1.35 -24.27 11.60
C TYR A 195 1.25 -23.31 12.78
N SER A 196 1.08 -22.04 12.47
CA SER A 196 0.97 -21.03 13.51
C SER A 196 -0.13 -21.41 14.49
N VAL A 197 -1.28 -21.84 13.97
CA VAL A 197 -2.42 -22.22 14.81
C VAL A 197 -2.38 -23.60 15.47
N SER A 198 -1.69 -24.56 14.86
CA SER A 198 -1.62 -25.91 15.42
C SER A 198 -0.36 -26.06 16.26
N ARG A 199 0.37 -24.95 16.41
CA ARG A 199 1.60 -24.98 17.19
C ARG A 199 2.61 -25.96 16.63
N VAL A 200 2.86 -25.89 15.32
CA VAL A 200 3.94 -26.66 14.69
C VAL A 200 5.09 -25.65 14.60
N ASN A 201 6.10 -25.81 15.45
CA ASN A 201 7.18 -24.82 15.53
C ASN A 201 8.26 -25.10 14.50
N VAL A 202 7.86 -24.97 13.24
CA VAL A 202 8.72 -25.18 12.06
C VAL A 202 8.58 -23.90 11.20
N SER A 203 9.68 -23.16 11.02
CA SER A 203 9.63 -21.93 10.20
C SER A 203 9.64 -22.26 8.72
N ILE A 204 9.06 -21.35 7.93
CA ILE A 204 8.95 -21.40 6.47
C ILE A 204 9.38 -20.05 5.88
N THR A 205 10.53 -20.04 5.22
CA THR A 205 11.16 -18.83 4.64
C THR A 205 11.08 -18.92 3.14
N LEU A 206 10.38 -17.96 2.54
CA LEU A 206 10.21 -17.91 1.06
C LEU A 206 11.23 -16.92 0.54
N CYS A 207 12.11 -17.38 -0.34
CA CYS A 207 13.22 -16.56 -0.84
C CYS A 207 12.88 -16.03 -2.22
N VAL A 208 12.87 -14.71 -2.32
CA VAL A 208 12.48 -14.01 -3.52
C VAL A 208 13.72 -13.36 -4.15
N LEU A 209 14.31 -14.10 -5.08
CA LEU A 209 15.54 -13.68 -5.75
C LEU A 209 15.34 -13.03 -7.09
N GLY A 210 16.17 -12.02 -7.35
CA GLY A 210 16.23 -11.42 -8.67
C GLY A 210 17.19 -12.25 -9.50
N LEU A 211 17.76 -11.63 -10.53
CA LEU A 211 18.69 -12.29 -11.47
C LEU A 211 19.99 -12.59 -10.77
N ILE A 212 20.41 -13.85 -10.79
CA ILE A 212 21.65 -14.30 -10.12
C ILE A 212 22.64 -14.79 -11.17
N ASP A 213 23.90 -14.44 -10.97
CA ASP A 213 24.90 -14.77 -11.98
C ASP A 213 25.29 -16.25 -12.11
N THR A 214 24.32 -17.16 -12.07
CA THR A 214 24.67 -18.58 -12.22
C THR A 214 24.93 -18.87 -13.72
N GLU A 215 25.77 -19.86 -14.03
CA GLU A 215 26.05 -20.23 -15.41
C GLU A 215 24.74 -20.51 -16.18
N THR A 216 23.84 -21.23 -15.51
CA THR A 216 22.54 -21.61 -16.08
C THR A 216 21.68 -20.39 -16.46
N ALA A 217 21.58 -19.43 -15.55
CA ALA A 217 20.78 -18.23 -15.78
C ALA A 217 21.40 -17.27 -16.76
N MET A 218 22.71 -17.08 -16.65
CA MET A 218 23.43 -16.18 -17.57
C MET A 218 23.31 -16.65 -19.03
N LYS A 219 23.30 -17.95 -19.26
CA LYS A 219 23.12 -18.47 -20.61
C LYS A 219 21.68 -18.27 -21.09
N ALA A 220 20.72 -18.53 -20.20
CA ALA A 220 19.32 -18.48 -20.56
C ALA A 220 18.86 -17.07 -20.93
N VAL A 221 19.46 -16.08 -20.29
CA VAL A 221 19.10 -14.68 -20.50
C VAL A 221 19.98 -13.93 -21.50
N SER A 222 21.06 -14.58 -21.95
CA SER A 222 21.95 -13.99 -22.93
C SER A 222 21.22 -13.32 -24.13
N GLY A 223 21.42 -12.03 -24.34
CA GLY A 223 20.81 -11.40 -25.52
C GLY A 223 19.35 -11.02 -25.44
N ILE A 224 18.70 -11.40 -24.33
CA ILE A 224 17.30 -11.12 -24.07
C ILE A 224 17.17 -10.15 -22.89
N VAL A 225 17.90 -10.42 -21.82
CA VAL A 225 17.79 -9.62 -20.61
C VAL A 225 19.07 -8.85 -20.28
N HIS A 226 18.89 -7.53 -20.14
CA HIS A 226 19.98 -6.61 -19.88
C HIS A 226 19.75 -6.01 -18.50
N MET A 227 20.26 -6.71 -17.50
CA MET A 227 20.20 -6.26 -16.13
C MET A 227 21.36 -6.90 -15.40
N GLN A 228 21.74 -6.27 -14.30
CA GLN A 228 22.86 -6.70 -13.47
C GLN A 228 22.51 -7.97 -12.65
N ALA A 229 23.30 -9.02 -12.83
CA ALA A 229 23.11 -10.29 -12.15
C ALA A 229 23.85 -10.20 -10.84
N ALA A 230 23.16 -10.50 -9.74
CA ALA A 230 23.77 -10.44 -8.43
C ALA A 230 24.67 -11.66 -8.21
N PRO A 231 25.63 -11.57 -7.28
CA PRO A 231 26.55 -12.68 -7.04
C PRO A 231 25.93 -13.83 -6.23
N LYS A 232 26.05 -15.02 -6.81
CA LYS A 232 25.49 -16.25 -6.26
C LYS A 232 26.05 -16.66 -4.91
N GLU A 233 27.31 -16.30 -4.64
CA GLU A 233 27.93 -16.66 -3.36
C GLU A 233 27.18 -15.91 -2.29
N GLU A 234 26.90 -14.64 -2.56
CA GLU A 234 26.19 -13.78 -1.59
C GLU A 234 24.70 -14.15 -1.46
N CYS A 235 24.13 -14.49 -2.60
CA CYS A 235 22.75 -14.92 -2.67
C CYS A 235 22.60 -16.15 -1.78
N ALA A 236 23.52 -17.10 -1.92
CA ALA A 236 23.49 -18.37 -1.17
C ALA A 236 23.47 -18.14 0.31
N LEU A 237 24.31 -17.20 0.75
CA LEU A 237 24.41 -16.79 2.15
C LEU A 237 23.12 -16.11 2.70
N GLU A 238 22.56 -15.20 1.92
CA GLU A 238 21.34 -14.49 2.33
C GLU A 238 20.18 -15.48 2.47
N ILE A 239 20.25 -16.60 1.75
CA ILE A 239 19.19 -17.60 1.84
C ILE A 239 19.32 -18.32 3.16
N ILE A 240 20.56 -18.72 3.46
CA ILE A 240 20.88 -19.43 4.72
C ILE A 240 20.52 -18.55 5.91
N LYS A 241 20.93 -17.29 5.84
CA LYS A 241 20.64 -16.32 6.86
C LYS A 241 19.15 -16.23 7.19
N GLY A 242 18.34 -16.12 6.14
CA GLY A 242 16.89 -16.03 6.27
C GLY A 242 16.33 -17.23 6.99
N GLY A 243 16.82 -18.43 6.65
CA GLY A 243 16.38 -19.64 7.33
C GLY A 243 16.80 -19.66 8.80
N ALA A 244 18.06 -19.33 9.05
CA ALA A 244 18.60 -19.29 10.41
C ALA A 244 17.80 -18.35 11.32
N LEU A 245 17.47 -17.17 10.80
CA LEU A 245 16.69 -16.17 11.52
C LEU A 245 15.18 -16.45 11.51
N ARG A 246 14.77 -17.54 10.84
CA ARG A 246 13.35 -17.86 10.75
C ARG A 246 12.52 -16.71 10.16
N GLN A 247 13.06 -16.02 9.17
CA GLN A 247 12.29 -15.00 8.50
C GLN A 247 11.27 -15.64 7.53
N GLU A 248 10.12 -15.00 7.41
CA GLU A 248 9.07 -15.47 6.54
C GLU A 248 9.44 -15.33 5.07
N GLU A 249 10.08 -14.21 4.73
CA GLU A 249 10.48 -13.93 3.33
C GLU A 249 11.85 -13.30 3.30
N VAL A 250 12.57 -13.57 2.22
CA VAL A 250 13.91 -13.03 1.99
C VAL A 250 13.87 -12.41 0.59
N TYR A 251 14.39 -11.20 0.47
CA TYR A 251 14.34 -10.48 -0.80
C TYR A 251 15.74 -10.13 -1.23
N TYR A 252 16.18 -10.66 -2.38
CA TYR A 252 17.52 -10.43 -2.84
C TYR A 252 17.60 -10.07 -4.32
N ASP A 253 17.91 -8.80 -4.58
CA ASP A 253 18.01 -8.33 -5.95
C ASP A 253 19.04 -7.24 -6.05
N SER A 254 19.60 -7.05 -7.25
CA SER A 254 20.57 -5.98 -7.53
C SER A 254 20.00 -4.60 -7.34
N SER A 255 18.83 -4.34 -7.91
CA SER A 255 18.16 -3.05 -7.84
C SER A 255 17.56 -2.65 -6.50
N ARG A 256 17.79 -1.39 -6.14
CA ARG A 256 17.27 -0.78 -4.91
C ARG A 256 15.78 -0.50 -5.06
N TRP A 257 15.34 -0.38 -6.30
CA TRP A 257 13.94 -0.16 -6.61
C TRP A 257 13.07 -1.43 -6.43
N THR A 258 13.71 -2.59 -6.56
CA THR A 258 13.08 -3.87 -6.30
C THR A 258 12.85 -3.96 -4.82
N THR A 259 13.89 -3.67 -4.05
CA THR A 259 13.82 -3.73 -2.59
C THR A 259 12.79 -2.72 -2.03
N LEU A 260 12.55 -1.63 -2.75
CA LEU A 260 11.53 -0.66 -2.33
C LEU A 260 10.10 -1.10 -2.69
N LEU A 261 9.92 -1.69 -3.88
CA LEU A 261 8.59 -2.04 -4.31
C LEU A 261 8.10 -3.48 -4.11
N ILE A 262 9.03 -4.40 -3.89
CA ILE A 262 8.74 -5.83 -3.79
C ILE A 262 7.74 -6.30 -2.74
N ARG A 263 7.83 -5.73 -1.55
CA ARG A 263 6.96 -6.12 -0.46
C ARG A 263 5.48 -5.71 -0.70
N ASN A 264 4.56 -6.47 -0.12
CA ASN A 264 3.12 -6.24 -0.23
C ASN A 264 2.50 -6.10 1.17
N PRO A 265 2.70 -4.94 1.81
CA PRO A 265 2.18 -4.73 3.16
C PRO A 265 0.69 -4.86 3.21
N CYS A 266 0.02 -4.51 2.10
CA CYS A 266 -1.43 -4.61 2.05
C CYS A 266 -1.91 -6.04 2.16
N ARG A 267 -1.08 -6.96 1.68
CA ARG A 267 -1.43 -8.38 1.70
C ARG A 267 -1.38 -8.88 3.14
N LYS A 268 -0.35 -8.45 3.87
CA LYS A 268 -0.22 -8.82 5.28
C LYS A 268 -1.40 -8.26 6.11
N ILE A 269 -1.77 -7.00 5.85
CA ILE A 269 -2.88 -6.38 6.54
C ILE A 269 -4.16 -7.16 6.29
N LEU A 270 -4.45 -7.48 5.03
CA LEU A 270 -5.66 -8.23 4.67
C LEU A 270 -5.75 -9.60 5.32
N GLU A 271 -4.64 -10.32 5.31
CA GLU A 271 -4.60 -11.62 5.97
C GLU A 271 -4.97 -11.47 7.45
N GLU A 272 -4.49 -10.40 8.08
CA GLU A 272 -4.77 -10.14 9.48
C GLU A 272 -6.26 -9.83 9.69
N LEU A 273 -6.81 -8.96 8.86
CA LEU A 273 -8.25 -8.62 8.92
C LEU A 273 -9.16 -9.85 8.75
N TYR A 274 -8.79 -10.76 7.85
CA TYR A 274 -9.58 -11.96 7.60
C TYR A 274 -9.44 -12.96 8.73
N SER A 275 -8.28 -12.92 9.42
CA SER A 275 -8.03 -13.88 10.52
C SER A 275 -9.10 -13.82 11.64
N THR A 276 -9.76 -12.67 11.75
CA THR A 276 -10.77 -12.49 12.76
C THR A 276 -12.12 -13.04 12.32
N SER A 277 -12.17 -13.59 11.11
CA SER A 277 -13.45 -14.05 10.58
C SER A 277 -13.53 -15.55 10.45
N TYR A 278 -12.58 -16.26 11.02
CA TYR A 278 -12.62 -17.73 10.97
C TYR A 278 -12.05 -18.31 12.24
N ASN A 279 -12.56 -19.49 12.58
CA ASN A 279 -12.23 -20.20 13.81
C ASN A 279 -11.67 -21.58 13.50
N MET A 280 -10.41 -21.77 13.91
CA MET A 280 -9.70 -23.02 13.66
C MET A 280 -9.65 -24.07 14.77
N ASP A 281 -10.22 -23.80 15.93
CA ASP A 281 -10.23 -24.81 17.00
C ASP A 281 -11.21 -25.92 16.63
N ARG A 282 -10.66 -27.00 16.11
CA ARG A 282 -11.40 -28.15 15.61
C ARG A 282 -10.42 -28.86 14.68
N PHE A 283 -9.18 -28.36 14.70
CA PHE A 283 -8.08 -28.84 13.88
C PHE A 283 -8.11 -28.22 12.47
N MET B 4 -32.21 -10.06 -42.69
CA MET B 4 -31.87 -8.84 -41.94
C MET B 4 -30.46 -8.79 -41.31
N ALA B 5 -30.01 -9.91 -40.75
CA ALA B 5 -28.67 -9.97 -40.16
C ALA B 5 -27.59 -9.80 -41.24
N SER B 6 -27.93 -10.17 -42.48
CA SER B 6 -27.01 -10.10 -43.63
C SER B 6 -26.92 -8.68 -44.22
N MET B 7 -27.87 -7.84 -43.82
CA MET B 7 -27.94 -6.48 -44.30
C MET B 7 -27.61 -5.53 -43.16
N THR B 8 -27.11 -6.11 -42.08
CA THR B 8 -26.82 -5.38 -40.86
C THR B 8 -25.35 -5.43 -40.63
N GLY B 9 -24.81 -4.40 -39.98
CA GLY B 9 -23.41 -4.29 -39.62
C GLY B 9 -23.12 -3.15 -38.67
N GLY B 10 -21.92 -3.12 -38.09
CA GLY B 10 -21.53 -2.07 -37.18
C GLY B 10 -20.79 -2.61 -35.98
N GLN B 11 -20.68 -1.80 -34.94
CA GLN B 11 -20.00 -2.21 -33.73
C GLN B 11 -20.61 -1.61 -32.46
N GLN B 12 -20.75 -2.45 -31.44
CA GLN B 12 -21.22 -2.03 -30.12
C GLN B 12 -20.13 -1.26 -29.39
N MET B 13 -18.90 -1.71 -29.54
CA MET B 13 -17.76 -1.15 -28.79
C MET B 13 -17.23 0.18 -29.33
N GLY B 14 -17.94 1.27 -29.04
CA GLY B 14 -17.52 2.60 -29.43
C GLY B 14 -16.90 3.33 -28.27
N ARG B 15 -17.01 4.66 -28.30
CA ARG B 15 -16.48 5.52 -27.25
C ARG B 15 -17.17 5.24 -25.94
N GLY B 16 -16.37 4.96 -24.91
CA GLY B 16 -16.81 4.65 -23.56
C GLY B 16 -17.00 3.17 -23.28
N SER B 17 -16.88 2.36 -24.32
CA SER B 17 -17.13 0.92 -24.17
C SER B 17 -16.11 0.20 -23.29
N ASN B 18 -14.95 0.83 -23.09
CA ASN B 18 -13.91 0.23 -22.25
C ASN B 18 -14.23 0.54 -20.77
N GLU B 19 -15.24 1.39 -20.58
CA GLU B 19 -15.63 1.83 -19.24
C GLU B 19 -17.03 1.43 -18.80
N GLU B 20 -17.99 1.51 -19.73
CA GLU B 20 -19.39 1.23 -19.43
C GLU B 20 -19.94 -0.02 -20.08
N PHE B 21 -20.25 -1.03 -19.26
CA PHE B 21 -20.83 -2.26 -19.78
C PHE B 21 -22.28 -2.10 -20.23
N ARG B 22 -22.64 -2.83 -21.27
CA ARG B 22 -24.00 -2.82 -21.79
C ARG B 22 -24.21 -4.27 -22.14
N PRO B 23 -25.33 -4.84 -21.70
CA PRO B 23 -25.63 -6.25 -21.98
C PRO B 23 -25.53 -6.58 -23.44
N GLU B 24 -25.77 -5.59 -24.29
CA GLU B 24 -25.76 -5.79 -25.75
C GLU B 24 -24.41 -6.23 -26.28
N MET B 25 -23.38 -6.00 -25.46
CA MET B 25 -21.99 -6.40 -25.78
C MET B 25 -21.79 -7.92 -25.90
N LEU B 26 -22.66 -8.70 -25.26
CA LEU B 26 -22.59 -10.15 -25.39
C LEU B 26 -23.58 -10.68 -26.44
N GLN B 27 -24.43 -9.81 -26.97
CA GLN B 27 -25.44 -10.23 -27.95
C GLN B 27 -24.78 -10.90 -29.17
N GLY B 28 -25.09 -12.18 -29.42
CA GLY B 28 -24.55 -12.91 -30.55
C GLY B 28 -23.11 -13.38 -30.37
N LYS B 29 -22.52 -13.08 -29.21
CA LYS B 29 -21.14 -13.52 -28.93
C LYS B 29 -21.14 -15.04 -28.73
N LYS B 30 -20.03 -15.69 -29.07
CA LYS B 30 -19.86 -17.14 -28.91
C LYS B 30 -19.01 -17.42 -27.67
N VAL B 31 -19.69 -17.92 -26.63
CA VAL B 31 -19.10 -18.11 -25.31
C VAL B 31 -19.10 -19.54 -24.75
N ILE B 32 -17.95 -19.95 -24.23
CA ILE B 32 -17.85 -21.21 -23.49
C ILE B 32 -17.79 -20.83 -21.99
N VAL B 33 -18.53 -21.59 -21.16
CA VAL B 33 -18.47 -21.49 -19.71
C VAL B 33 -18.19 -22.92 -19.15
N THR B 34 -17.09 -23.11 -18.43
CA THR B 34 -16.82 -24.41 -17.78
C THR B 34 -17.40 -24.37 -16.34
N GLY B 35 -17.59 -25.52 -15.72
CA GLY B 35 -18.14 -25.52 -14.38
C GLY B 35 -19.49 -24.81 -14.41
N ALA B 36 -20.26 -25.05 -15.46
CA ALA B 36 -21.54 -24.36 -15.66
C ALA B 36 -22.82 -25.06 -15.24
N SER B 37 -22.72 -26.20 -14.59
CA SER B 37 -23.92 -26.92 -14.18
C SER B 37 -24.48 -26.40 -12.84
N LYS B 38 -23.64 -25.69 -12.06
CA LYS B 38 -23.99 -25.16 -10.76
C LYS B 38 -23.23 -23.87 -10.42
N GLY B 39 -23.64 -23.25 -9.32
CA GLY B 39 -23.07 -22.03 -8.74
C GLY B 39 -22.87 -20.84 -9.63
N ILE B 40 -21.68 -20.25 -9.57
CA ILE B 40 -21.32 -19.09 -10.38
C ILE B 40 -21.34 -19.34 -11.88
N GLY B 41 -20.81 -20.49 -12.32
CA GLY B 41 -20.82 -20.88 -13.71
C GLY B 41 -22.23 -20.95 -14.30
N ARG B 42 -23.13 -21.60 -13.56
CA ARG B 42 -24.53 -21.66 -13.96
C ARG B 42 -25.12 -20.23 -14.08
N GLU B 43 -24.95 -19.42 -13.03
CA GLU B 43 -25.37 -18.01 -13.05
C GLU B 43 -24.81 -17.25 -14.26
N MET B 44 -23.54 -17.43 -14.60
CA MET B 44 -22.97 -16.82 -15.83
C MET B 44 -23.69 -17.29 -17.11
N ALA B 45 -23.92 -18.60 -17.21
CA ALA B 45 -24.68 -19.18 -18.33
C ALA B 45 -26.00 -18.42 -18.51
N TYR B 46 -26.78 -18.33 -17.43
CA TYR B 46 -28.06 -17.60 -17.41
C TYR B 46 -27.96 -16.15 -17.84
N HIS B 47 -27.00 -15.40 -17.30
CA HIS B 47 -26.82 -14.00 -17.67
C HIS B 47 -26.55 -13.90 -19.17
N LEU B 48 -25.73 -14.82 -19.68
CA LEU B 48 -25.32 -14.81 -21.08
C LEU B 48 -26.51 -15.13 -21.94
N ALA B 49 -27.33 -16.06 -21.46
CA ALA B 49 -28.57 -16.42 -22.13
C ALA B 49 -29.39 -15.12 -22.37
N LYS B 50 -29.82 -14.49 -21.27
CA LYS B 50 -30.57 -13.23 -21.31
C LYS B 50 -29.96 -12.18 -22.27
N MET B 51 -28.63 -12.12 -22.34
CA MET B 51 -27.96 -11.13 -23.18
C MET B 51 -28.01 -11.49 -24.66
N GLY B 52 -28.49 -12.67 -24.97
CA GLY B 52 -28.61 -13.08 -26.35
C GLY B 52 -27.36 -13.68 -26.94
N ALA B 53 -26.52 -14.26 -26.08
CA ALA B 53 -25.29 -14.91 -26.53
C ALA B 53 -25.52 -16.36 -26.96
N HIS B 54 -24.56 -16.89 -27.70
CA HIS B 54 -24.52 -18.31 -28.02
C HIS B 54 -23.68 -18.89 -26.87
N VAL B 55 -24.11 -20.02 -26.31
CA VAL B 55 -23.36 -20.59 -25.23
C VAL B 55 -23.22 -22.07 -25.33
N VAL B 56 -22.06 -22.55 -24.89
CA VAL B 56 -21.77 -23.99 -24.74
C VAL B 56 -21.24 -24.14 -23.30
N VAL B 57 -21.94 -24.98 -22.55
CA VAL B 57 -21.61 -25.21 -21.16
C VAL B 57 -21.05 -26.61 -20.93
N THR B 58 -20.23 -26.72 -19.88
CA THR B 58 -19.63 -27.99 -19.58
C THR B 58 -19.49 -28.27 -18.09
N ALA B 59 -19.43 -29.56 -17.76
CA ALA B 59 -19.28 -29.98 -16.40
C ALA B 59 -19.42 -31.50 -16.53
N ARG B 60 -19.26 -32.25 -15.45
CA ARG B 60 -19.35 -33.68 -15.56
C ARG B 60 -20.79 -34.19 -15.70
N SER B 61 -21.72 -33.53 -15.02
CA SER B 61 -23.14 -33.92 -14.94
C SER B 61 -24.01 -33.64 -16.17
N LYS B 62 -24.25 -34.66 -16.99
CA LYS B 62 -25.05 -34.50 -18.21
C LYS B 62 -26.49 -34.02 -17.92
N GLU B 63 -27.12 -34.59 -16.91
CA GLU B 63 -28.48 -34.26 -16.57
C GLU B 63 -28.67 -32.86 -16.09
N THR B 64 -27.74 -32.39 -15.26
CA THR B 64 -27.73 -31.01 -14.78
C THR B 64 -27.45 -30.05 -15.94
N LEU B 65 -26.44 -30.36 -16.75
CA LEU B 65 -26.14 -29.54 -17.91
C LEU B 65 -27.38 -29.36 -18.81
N GLN B 66 -28.07 -30.46 -19.07
CA GLN B 66 -29.29 -30.48 -19.89
C GLN B 66 -30.23 -29.42 -19.39
N LYS B 67 -30.49 -29.44 -18.09
CA LYS B 67 -31.41 -28.49 -17.43
C LYS B 67 -31.02 -27.03 -17.61
N VAL B 68 -29.74 -26.74 -17.42
CA VAL B 68 -29.18 -25.39 -17.62
C VAL B 68 -29.37 -24.95 -19.06
N VAL B 69 -29.08 -25.85 -20.00
CA VAL B 69 -29.26 -25.52 -21.42
C VAL B 69 -30.72 -25.15 -21.76
N SER B 70 -31.65 -25.97 -21.28
CA SER B 70 -33.08 -25.75 -21.48
C SER B 70 -33.49 -24.39 -20.92
N HIS B 71 -33.02 -24.09 -19.70
CA HIS B 71 -33.31 -22.80 -19.12
C HIS B 71 -32.61 -21.64 -19.84
N CYS B 72 -31.48 -21.89 -20.46
CA CYS B 72 -30.78 -20.82 -21.19
C CYS B 72 -31.54 -20.42 -22.45
N LEU B 73 -32.03 -21.42 -23.17
CA LEU B 73 -32.87 -21.19 -24.36
C LEU B 73 -34.17 -20.44 -23.94
N GLU B 74 -34.78 -20.82 -22.81
CA GLU B 74 -35.98 -20.15 -22.31
C GLU B 74 -35.66 -18.69 -22.12
N LEU B 75 -34.55 -18.43 -21.43
CA LEU B 75 -34.06 -17.07 -21.10
C LEU B 75 -33.77 -16.17 -22.29
N GLY B 76 -33.54 -16.73 -23.48
CA GLY B 76 -33.30 -15.91 -24.66
C GLY B 76 -31.94 -16.05 -25.34
N ALA B 77 -31.23 -17.14 -25.04
CA ALA B 77 -29.93 -17.38 -25.66
C ALA B 77 -30.07 -17.66 -27.17
N ALA B 78 -29.16 -17.09 -27.97
CA ALA B 78 -29.11 -17.31 -29.43
C ALA B 78 -29.08 -18.83 -29.72
N SER B 79 -28.23 -19.54 -28.98
CA SER B 79 -28.18 -21.00 -29.07
C SER B 79 -27.55 -21.47 -27.78
N ALA B 80 -27.81 -22.70 -27.41
CA ALA B 80 -27.27 -23.21 -26.18
C ALA B 80 -27.03 -24.69 -26.33
N HIS B 81 -25.84 -25.15 -25.94
CA HIS B 81 -25.53 -26.57 -25.98
C HIS B 81 -24.68 -26.95 -24.79
N TYR B 82 -24.59 -28.25 -24.54
CA TYR B 82 -23.72 -28.74 -23.51
C TYR B 82 -22.88 -29.92 -24.01
N ILE B 83 -21.72 -30.11 -23.41
CA ILE B 83 -20.88 -31.29 -23.62
C ILE B 83 -20.43 -31.59 -22.21
N ALA B 84 -20.61 -32.85 -21.79
CA ALA B 84 -20.24 -33.30 -20.48
C ALA B 84 -18.92 -34.07 -20.52
N GLY B 85 -18.17 -34.02 -19.42
CA GLY B 85 -16.91 -34.73 -19.29
C GLY B 85 -16.13 -34.14 -18.15
N THR B 86 -15.11 -34.86 -17.70
CA THR B 86 -14.27 -34.40 -16.60
C THR B 86 -13.04 -33.65 -17.08
N MET B 87 -12.78 -32.51 -16.42
CA MET B 87 -11.59 -31.69 -16.76
C MET B 87 -10.29 -32.31 -16.21
N GLU B 88 -10.45 -33.48 -15.58
CA GLU B 88 -9.30 -34.28 -15.12
C GLU B 88 -8.62 -34.90 -16.34
N ASP B 89 -9.40 -35.10 -17.42
CA ASP B 89 -8.93 -35.71 -18.67
C ASP B 89 -8.51 -34.66 -19.69
N MET B 90 -7.22 -34.45 -19.83
CA MET B 90 -6.71 -33.42 -20.74
C MET B 90 -7.08 -33.65 -22.20
N THR B 91 -7.44 -34.88 -22.53
CA THR B 91 -7.87 -35.19 -23.90
C THR B 91 -9.26 -34.60 -24.08
N PHE B 92 -10.12 -34.83 -23.08
CA PHE B 92 -11.47 -34.28 -23.13
C PHE B 92 -11.47 -32.74 -23.14
N ALA B 93 -10.57 -32.12 -22.37
CA ALA B 93 -10.55 -30.65 -22.36
C ALA B 93 -10.24 -30.13 -23.75
N GLU B 94 -9.26 -30.77 -24.39
CA GLU B 94 -8.80 -30.35 -25.70
C GLU B 94 -9.84 -30.56 -26.81
N GLN B 95 -10.46 -31.74 -26.83
CA GLN B 95 -11.45 -31.98 -27.87
C GLN B 95 -12.67 -31.13 -27.64
N PHE B 96 -13.05 -30.93 -26.37
CA PHE B 96 -14.24 -30.13 -26.06
C PHE B 96 -14.17 -28.73 -26.63
N VAL B 97 -12.98 -28.15 -26.62
CA VAL B 97 -12.92 -26.81 -27.18
C VAL B 97 -13.30 -26.88 -28.65
N ALA B 98 -12.71 -27.83 -29.39
CA ALA B 98 -12.98 -27.95 -30.83
C ALA B 98 -14.41 -28.24 -31.13
N GLN B 99 -15.00 -29.11 -30.31
CA GLN B 99 -16.41 -29.50 -30.47
C GLN B 99 -17.25 -28.28 -30.22
N ALA B 100 -16.99 -27.59 -29.12
CA ALA B 100 -17.74 -26.37 -28.81
C ALA B 100 -17.65 -25.32 -29.93
N GLY B 101 -16.44 -25.10 -30.45
CA GLY B 101 -16.22 -24.09 -31.47
C GLY B 101 -16.99 -24.39 -32.74
N LYS B 102 -17.12 -25.69 -33.02
CA LYS B 102 -17.81 -26.18 -34.19
C LYS B 102 -19.33 -26.04 -34.03
N LEU B 103 -19.83 -26.21 -32.81
CA LEU B 103 -21.27 -26.05 -32.59
C LEU B 103 -21.74 -24.60 -32.78
N MET B 104 -20.84 -23.65 -32.50
CA MET B 104 -21.13 -22.21 -32.58
C MET B 104 -20.55 -21.56 -33.81
N GLY B 105 -19.63 -22.25 -34.46
CA GLY B 105 -18.98 -21.74 -35.65
C GLY B 105 -18.03 -20.66 -35.27
N GLY B 106 -17.19 -20.92 -34.25
CA GLY B 106 -16.24 -19.96 -33.71
C GLY B 106 -16.28 -19.75 -32.18
N LEU B 107 -15.49 -18.79 -31.71
CA LEU B 107 -15.40 -18.52 -30.29
C LEU B 107 -14.96 -17.08 -30.01
N ASP B 108 -15.69 -16.44 -29.10
CA ASP B 108 -15.45 -15.04 -28.76
C ASP B 108 -14.89 -14.93 -27.33
N MET B 109 -15.40 -15.75 -26.42
CA MET B 109 -15.00 -15.67 -25.01
C MET B 109 -14.91 -17.03 -24.36
N LEU B 110 -13.75 -17.28 -23.72
CA LEU B 110 -13.51 -18.54 -23.00
C LEU B 110 -13.55 -18.28 -21.48
N ILE B 111 -14.55 -18.85 -20.80
CA ILE B 111 -14.72 -18.63 -19.35
C ILE B 111 -14.32 -19.86 -18.56
N LEU B 112 -13.13 -19.79 -17.96
CA LEU B 112 -12.55 -20.92 -17.19
C LEU B 112 -12.99 -20.74 -15.75
N ASN B 113 -13.83 -21.66 -15.25
CA ASN B 113 -14.49 -21.52 -13.96
C ASN B 113 -14.52 -22.78 -13.09
N HIS B 114 -14.51 -23.96 -13.68
CA HIS B 114 -14.54 -25.16 -12.86
C HIS B 114 -13.35 -25.33 -11.92
N ILE B 115 -13.53 -26.15 -10.90
CA ILE B 115 -12.42 -26.57 -10.02
C ILE B 115 -12.77 -27.97 -9.57
N THR B 116 -11.80 -28.64 -8.97
CA THR B 116 -12.01 -29.97 -8.39
C THR B 116 -12.61 -29.78 -7.00
N ASN B 117 -13.51 -30.68 -6.58
CA ASN B 117 -14.15 -30.50 -5.27
C ASN B 117 -13.15 -30.31 -4.13
N THR B 118 -13.39 -29.34 -3.26
CA THR B 118 -12.46 -29.10 -2.17
C THR B 118 -13.11 -28.64 -0.87
N SER B 119 -12.57 -29.12 0.23
CA SER B 119 -13.10 -28.69 1.52
C SER B 119 -12.01 -28.03 2.33
N LEU B 120 -12.39 -27.43 3.44
CA LEU B 120 -11.44 -26.78 4.30
C LEU B 120 -10.83 -27.84 5.19
N ASN B 121 -9.52 -28.04 5.08
CA ASN B 121 -8.83 -29.03 5.90
C ASN B 121 -7.38 -28.64 6.07
N LEU B 122 -6.80 -28.96 7.21
CA LEU B 122 -5.39 -28.74 7.46
C LEU B 122 -4.61 -29.61 6.48
N PHE B 123 -3.47 -29.12 6.02
CA PHE B 123 -2.66 -29.95 5.16
C PHE B 123 -1.77 -30.91 5.96
N HIS B 124 -1.91 -32.21 5.73
CA HIS B 124 -1.04 -33.16 6.42
C HIS B 124 -0.17 -33.94 5.43
N ASP B 125 -0.80 -34.76 4.60
CA ASP B 125 -0.06 -35.58 3.66
C ASP B 125 -0.83 -35.98 2.40
N ASP B 126 -1.93 -35.28 2.13
CA ASP B 126 -2.76 -35.60 0.96
C ASP B 126 -2.16 -34.99 -0.33
N ILE B 127 -1.14 -35.67 -0.85
CA ILE B 127 -0.45 -35.24 -2.05
C ILE B 127 -1.33 -35.45 -3.25
N HIS B 128 -2.25 -36.38 -3.12
CA HIS B 128 -3.16 -36.68 -4.21
C HIS B 128 -4.09 -35.52 -4.49
N HIS B 129 -4.59 -34.87 -3.44
CA HIS B 129 -5.47 -33.73 -3.62
C HIS B 129 -4.68 -32.51 -4.18
N VAL B 130 -3.43 -32.37 -3.75
CA VAL B 130 -2.60 -31.26 -4.24
C VAL B 130 -2.36 -31.40 -5.75
N ARG B 131 -2.04 -32.61 -6.20
CA ARG B 131 -1.84 -32.91 -7.63
C ARG B 131 -3.11 -32.72 -8.46
N LYS B 132 -4.22 -33.28 -7.98
CA LYS B 132 -5.49 -33.16 -8.66
C LYS B 132 -5.93 -31.71 -8.75
N SER B 133 -5.72 -30.95 -7.65
CA SER B 133 -6.00 -29.53 -7.64
C SER B 133 -5.20 -28.84 -8.73
N MET B 134 -3.90 -29.11 -8.80
CA MET B 134 -3.10 -28.49 -9.88
C MET B 134 -3.55 -28.92 -11.29
N GLU B 135 -3.92 -30.18 -11.45
CA GLU B 135 -4.33 -30.70 -12.76
C GLU B 135 -5.63 -30.07 -13.24
N VAL B 136 -6.62 -30.04 -12.36
CA VAL B 136 -7.96 -29.57 -12.71
C VAL B 136 -8.10 -28.07 -12.68
N ASN B 137 -7.67 -27.45 -11.57
CA ASN B 137 -7.81 -26.01 -11.42
C ASN B 137 -6.83 -25.17 -12.23
N PHE B 138 -5.71 -25.76 -12.64
CA PHE B 138 -4.69 -24.99 -13.35
C PHE B 138 -4.35 -25.61 -14.69
N LEU B 139 -3.80 -26.82 -14.67
CA LEU B 139 -3.39 -27.45 -15.92
C LEU B 139 -4.44 -27.47 -17.01
N SER B 140 -5.66 -27.90 -16.66
CA SER B 140 -6.77 -27.95 -17.62
C SER B 140 -7.12 -26.58 -18.22
N TYR B 141 -6.85 -25.52 -17.46
CA TYR B 141 -7.12 -24.15 -17.94
C TYR B 141 -6.13 -23.87 -19.06
N VAL B 142 -4.88 -24.30 -18.85
CA VAL B 142 -3.85 -24.14 -19.88
C VAL B 142 -4.19 -24.91 -21.15
N VAL B 143 -4.55 -26.19 -20.99
CA VAL B 143 -4.91 -27.04 -22.16
C VAL B 143 -6.11 -26.43 -22.92
N LEU B 144 -7.09 -25.91 -22.20
CA LEU B 144 -8.26 -25.30 -22.83
C LEU B 144 -7.88 -24.00 -23.55
N THR B 145 -6.93 -23.28 -22.95
CA THR B 145 -6.43 -22.05 -23.52
C THR B 145 -5.69 -22.37 -24.81
N VAL B 146 -4.83 -23.39 -24.80
CA VAL B 146 -4.09 -23.78 -26.00
C VAL B 146 -5.06 -24.10 -27.16
N ALA B 147 -6.11 -24.87 -26.85
CA ALA B 147 -7.10 -25.31 -27.84
C ALA B 147 -7.93 -24.17 -28.37
N ALA B 148 -8.23 -23.21 -27.50
CA ALA B 148 -9.09 -22.10 -27.88
C ALA B 148 -8.41 -20.95 -28.67
N LEU B 149 -7.10 -20.82 -28.48
CA LEU B 149 -6.37 -19.70 -29.03
C LEU B 149 -6.54 -19.32 -30.50
N PRO B 150 -6.46 -20.32 -31.42
CA PRO B 150 -6.61 -20.00 -32.85
C PRO B 150 -7.92 -19.25 -33.13
N MET B 151 -9.03 -19.77 -32.61
CA MET B 151 -10.37 -19.17 -32.75
C MET B 151 -10.47 -17.85 -32.02
N LEU B 152 -9.84 -17.75 -30.85
CA LEU B 152 -9.87 -16.47 -30.13
C LEU B 152 -9.06 -15.41 -30.87
N LYS B 153 -7.96 -15.82 -31.50
CA LYS B 153 -7.12 -14.87 -32.26
C LYS B 153 -7.87 -14.30 -33.48
N GLN B 154 -8.58 -15.19 -34.14
CA GLN B 154 -9.40 -14.83 -35.28
C GLN B 154 -10.51 -13.82 -34.89
N SER B 155 -11.10 -13.97 -33.70
CA SER B 155 -12.15 -13.05 -33.27
C SER B 155 -11.67 -11.92 -32.33
N ASN B 156 -10.38 -11.89 -32.02
CA ASN B 156 -9.85 -10.90 -31.07
C ASN B 156 -10.69 -11.01 -29.77
N GLY B 157 -10.86 -12.24 -29.33
CA GLY B 157 -11.68 -12.61 -28.20
C GLY B 157 -11.03 -12.49 -26.86
N SER B 158 -11.61 -13.20 -25.91
CA SER B 158 -11.22 -13.08 -24.53
C SER B 158 -11.09 -14.36 -23.72
N ILE B 159 -10.14 -14.33 -22.81
CA ILE B 159 -10.00 -15.43 -21.88
C ILE B 159 -10.36 -14.86 -20.52
N VAL B 160 -11.24 -15.56 -19.81
CA VAL B 160 -11.69 -15.16 -18.48
C VAL B 160 -11.32 -16.23 -17.52
N VAL B 161 -10.47 -15.88 -16.57
CA VAL B 161 -10.00 -16.85 -15.57
C VAL B 161 -10.57 -16.54 -14.17
N VAL B 162 -11.41 -17.44 -13.70
CA VAL B 162 -11.98 -17.29 -12.40
C VAL B 162 -11.00 -17.72 -11.30
N SER B 163 -10.70 -16.77 -10.42
CA SER B 163 -9.78 -17.05 -9.31
C SER B 163 -10.40 -16.75 -7.94
N SER B 164 -9.57 -16.48 -6.95
CA SER B 164 -10.09 -16.21 -5.61
C SER B 164 -9.18 -15.25 -4.83
N LEU B 165 -9.68 -14.76 -3.69
CA LEU B 165 -8.84 -13.91 -2.84
C LEU B 165 -7.69 -14.82 -2.38
N ALA B 166 -7.99 -16.11 -2.27
CA ALA B 166 -7.00 -17.10 -1.91
C ALA B 166 -6.00 -17.37 -3.08
N GLY B 167 -6.16 -16.63 -4.20
CA GLY B 167 -5.25 -16.70 -5.33
C GLY B 167 -4.41 -15.40 -5.34
N LYS B 168 -4.55 -14.58 -4.28
CA LYS B 168 -3.84 -13.27 -4.12
C LYS B 168 -3.16 -13.08 -2.72
N VAL B 169 -3.79 -13.64 -1.69
CA VAL B 169 -3.29 -13.55 -0.33
C VAL B 169 -3.45 -14.97 0.23
N ALA B 170 -2.77 -15.30 1.33
CA ALA B 170 -2.81 -16.66 1.93
C ALA B 170 -3.93 -16.89 2.95
N TYR B 171 -4.47 -18.12 2.97
CA TYR B 171 -5.49 -18.52 3.96
C TYR B 171 -5.11 -19.90 4.40
N PRO B 172 -5.28 -20.21 5.70
CA PRO B 172 -5.05 -21.60 6.04
C PRO B 172 -6.23 -22.47 5.55
N MET B 173 -6.00 -23.79 5.51
CA MET B 173 -7.03 -24.80 5.17
C MET B 173 -7.39 -25.05 3.71
N VAL B 174 -6.67 -24.42 2.80
CA VAL B 174 -6.91 -24.48 1.36
C VAL B 174 -5.57 -24.34 0.68
N ALA B 175 -4.53 -24.93 1.29
CA ALA B 175 -3.17 -24.86 0.75
C ALA B 175 -3.10 -25.29 -0.72
N ALA B 176 -3.59 -26.50 -1.01
CA ALA B 176 -3.57 -27.03 -2.37
C ALA B 176 -4.34 -26.16 -3.37
N TYR B 177 -5.57 -25.78 -2.99
CA TYR B 177 -6.48 -24.93 -3.80
C TYR B 177 -5.86 -23.59 -4.14
N SER B 178 -5.30 -22.95 -3.10
CA SER B 178 -4.63 -21.66 -3.18
C SER B 178 -3.33 -21.70 -4.04
N ALA B 179 -2.61 -22.79 -3.94
CA ALA B 179 -1.43 -23.02 -4.77
C ALA B 179 -1.88 -22.98 -6.24
N SER B 180 -2.99 -23.63 -6.51
CA SER B 180 -3.50 -23.68 -7.90
C SER B 180 -3.98 -22.33 -8.42
N LYS B 181 -4.57 -21.52 -7.53
CA LYS B 181 -5.09 -20.19 -7.87
C LYS B 181 -3.97 -19.21 -8.06
N PHE B 182 -2.96 -19.32 -7.22
CA PHE B 182 -1.75 -18.53 -7.38
C PHE B 182 -1.06 -18.88 -8.72
N ALA B 183 -1.01 -20.17 -9.08
CA ALA B 183 -0.42 -20.67 -10.36
C ALA B 183 -1.10 -20.01 -11.57
N LEU B 184 -2.42 -19.88 -11.51
CA LEU B 184 -3.19 -19.22 -12.56
C LEU B 184 -2.77 -17.77 -12.83
N ASP B 185 -2.56 -17.02 -11.74
CA ASP B 185 -2.10 -15.63 -11.84
C ASP B 185 -0.67 -15.55 -12.46
N GLY B 186 0.24 -16.39 -11.97
CA GLY B 186 1.59 -16.40 -12.50
C GLY B 186 1.59 -16.80 -13.95
N PHE B 187 0.88 -17.86 -14.29
CA PHE B 187 0.90 -18.29 -15.69
C PHE B 187 0.24 -17.26 -16.61
N PHE B 188 -1.02 -16.95 -16.34
CA PHE B 188 -1.79 -16.01 -17.15
C PHE B 188 -1.32 -14.58 -17.22
N SER B 189 -0.65 -14.14 -16.17
CA SER B 189 -0.08 -12.80 -16.17
C SER B 189 1.14 -12.76 -17.06
N SER B 190 1.78 -13.91 -17.21
CA SER B 190 2.99 -13.99 -18.03
C SER B 190 2.60 -14.00 -19.51
N ILE B 191 1.65 -14.82 -19.89
CA ILE B 191 1.22 -14.85 -21.27
C ILE B 191 0.53 -13.55 -21.70
N ARG B 192 -0.04 -12.81 -20.75
CA ARG B 192 -0.61 -11.53 -21.09
C ARG B 192 0.46 -10.57 -21.56
N LYS B 193 1.64 -10.63 -20.96
CA LYS B 193 2.73 -9.74 -21.40
C LYS B 193 3.28 -10.25 -22.75
N GLU B 194 3.21 -11.57 -22.93
CA GLU B 194 3.63 -12.21 -24.16
C GLU B 194 2.71 -11.84 -25.32
N TYR B 195 1.40 -11.91 -25.10
CA TYR B 195 0.43 -11.49 -26.10
C TYR B 195 0.59 -10.01 -26.43
N SER B 196 0.95 -9.23 -25.43
CA SER B 196 1.11 -7.80 -25.62
C SER B 196 2.13 -7.49 -26.72
N VAL B 197 3.30 -8.08 -26.58
CA VAL B 197 4.41 -7.83 -27.47
C VAL B 197 4.28 -8.53 -28.82
N SER B 198 3.58 -9.66 -28.86
CA SER B 198 3.42 -10.39 -30.11
C SER B 198 2.15 -10.03 -30.81
N ARG B 199 1.53 -8.94 -30.37
CA ARG B 199 0.25 -8.50 -30.95
C ARG B 199 -0.80 -9.62 -31.05
N VAL B 200 -1.05 -10.32 -29.93
CA VAL B 200 -2.11 -11.34 -29.94
C VAL B 200 -3.25 -10.63 -29.23
N ASN B 201 -4.20 -10.11 -30.01
CA ASN B 201 -5.30 -9.29 -29.47
C ASN B 201 -6.35 -10.10 -28.75
N VAL B 202 -5.91 -10.80 -27.71
CA VAL B 202 -6.78 -11.64 -26.90
C VAL B 202 -6.60 -11.16 -25.47
N SER B 203 -7.69 -10.68 -24.87
CA SER B 203 -7.63 -10.19 -23.51
C SER B 203 -7.60 -11.36 -22.52
N ILE B 204 -7.08 -11.08 -21.34
CA ILE B 204 -7.05 -12.05 -20.27
C ILE B 204 -7.52 -11.34 -19.02
N THR B 205 -8.66 -11.79 -18.51
CA THR B 205 -9.28 -11.25 -17.29
C THR B 205 -9.16 -12.24 -16.14
N LEU B 206 -8.42 -11.85 -15.09
CA LEU B 206 -8.31 -12.66 -13.87
C LEU B 206 -9.31 -12.17 -12.82
N CYS B 207 -10.25 -13.04 -12.42
CA CYS B 207 -11.29 -12.68 -11.44
C CYS B 207 -10.98 -13.21 -10.03
N VAL B 208 -10.79 -12.25 -9.12
CA VAL B 208 -10.42 -12.48 -7.73
C VAL B 208 -11.64 -12.28 -6.86
N LEU B 209 -12.28 -13.39 -6.53
CA LEU B 209 -13.53 -13.43 -5.77
C LEU B 209 -13.37 -13.76 -4.30
N GLY B 210 -14.14 -13.08 -3.44
CA GLY B 210 -14.23 -13.35 -2.03
C GLY B 210 -15.21 -14.50 -1.89
N LEU B 211 -15.68 -14.70 -0.67
CA LEU B 211 -16.66 -15.75 -0.39
C LEU B 211 -17.99 -15.47 -1.11
N ILE B 212 -18.49 -16.46 -1.87
CA ILE B 212 -19.74 -16.37 -2.63
C ILE B 212 -20.76 -17.40 -2.11
N ASP B 213 -22.01 -17.01 -2.02
CA ASP B 213 -23.06 -17.86 -1.46
C ASP B 213 -23.53 -19.09 -2.29
N THR B 214 -22.60 -19.81 -2.91
CA THR B 214 -22.95 -21.02 -3.63
C THR B 214 -23.17 -22.14 -2.61
N GLU B 215 -23.97 -23.14 -2.96
CA GLU B 215 -24.30 -24.24 -2.04
C GLU B 215 -23.05 -24.96 -1.56
N THR B 216 -22.21 -25.23 -2.53
CA THR B 216 -20.95 -25.87 -2.34
C THR B 216 -20.04 -25.09 -1.33
N ALA B 217 -19.90 -23.75 -1.50
CA ALA B 217 -19.08 -22.95 -0.60
C ALA B 217 -19.70 -22.81 0.77
N MET B 218 -21.00 -22.56 0.80
CA MET B 218 -21.69 -22.41 2.08
C MET B 218 -21.56 -23.67 2.93
N LYS B 219 -21.55 -24.84 2.28
CA LYS B 219 -21.34 -26.09 3.03
C LYS B 219 -19.90 -26.22 3.54
N ALA B 220 -18.94 -25.92 2.68
CA ALA B 220 -17.55 -26.11 3.05
C ALA B 220 -17.08 -25.22 4.20
N VAL B 221 -17.65 -24.02 4.30
CA VAL B 221 -17.22 -23.09 5.34
C VAL B 221 -18.04 -23.13 6.60
N SER B 222 -19.13 -23.88 6.58
CA SER B 222 -20.04 -24.00 7.75
C SER B 222 -19.34 -24.27 9.07
N GLY B 223 -19.56 -23.39 10.04
CA GLY B 223 -18.97 -23.52 11.36
C GLY B 223 -17.50 -23.14 11.47
N ILE B 224 -16.88 -22.81 10.34
CA ILE B 224 -15.45 -22.48 10.29
C ILE B 224 -15.22 -21.03 9.98
N VAL B 225 -15.88 -20.58 8.93
CA VAL B 225 -15.73 -19.24 8.45
C VAL B 225 -17.00 -18.47 8.71
N HIS B 226 -16.84 -17.28 9.28
CA HIS B 226 -17.97 -16.46 9.67
C HIS B 226 -17.97 -15.10 9.00
N MET B 227 -18.11 -15.13 7.69
CA MET B 227 -18.15 -13.90 6.92
C MET B 227 -19.39 -13.81 6.06
N GLN B 228 -19.74 -12.58 5.72
CA GLN B 228 -20.85 -12.33 4.81
C GLN B 228 -20.41 -12.84 3.42
N ALA B 229 -21.28 -13.62 2.80
CA ALA B 229 -21.06 -14.23 1.52
C ALA B 229 -21.75 -13.33 0.54
N ALA B 230 -21.13 -13.09 -0.62
CA ALA B 230 -21.73 -12.23 -1.64
C ALA B 230 -22.64 -13.05 -2.59
N PRO B 231 -23.65 -12.42 -3.19
CA PRO B 231 -24.60 -13.13 -4.06
C PRO B 231 -23.99 -13.58 -5.41
N LYS B 232 -24.16 -14.87 -5.69
CA LYS B 232 -23.66 -15.52 -6.91
C LYS B 232 -24.20 -14.92 -8.21
N GLU B 233 -25.43 -14.41 -8.18
CA GLU B 233 -26.01 -13.78 -9.38
C GLU B 233 -25.21 -12.54 -9.78
N GLU B 234 -24.96 -11.65 -8.83
CA GLU B 234 -24.19 -10.46 -9.12
C GLU B 234 -22.70 -10.76 -9.34
N CYS B 235 -22.15 -11.75 -8.63
CA CYS B 235 -20.75 -12.15 -8.84
C CYS B 235 -20.60 -12.60 -10.30
N ALA B 236 -21.51 -13.46 -10.74
CA ALA B 236 -21.51 -13.95 -12.13
C ALA B 236 -21.53 -12.81 -13.15
N LEU B 237 -22.33 -11.79 -12.89
CA LEU B 237 -22.43 -10.64 -13.80
C LEU B 237 -21.15 -9.79 -13.86
N GLU B 238 -20.53 -9.57 -12.70
CA GLU B 238 -19.29 -8.79 -12.61
C GLU B 238 -18.17 -9.52 -13.34
N ILE B 239 -18.23 -10.85 -13.34
CA ILE B 239 -17.28 -11.62 -14.10
C ILE B 239 -17.49 -11.35 -15.60
N ILE B 240 -18.73 -11.50 -16.08
CA ILE B 240 -19.00 -11.26 -17.48
C ILE B 240 -18.56 -9.86 -17.91
N LYS B 241 -18.96 -8.88 -17.12
CA LYS B 241 -18.62 -7.48 -17.37
C LYS B 241 -17.13 -7.31 -17.59
N GLY B 242 -16.33 -7.90 -16.71
CA GLY B 242 -14.89 -7.78 -16.75
C GLY B 242 -14.34 -8.31 -18.04
N GLY B 243 -14.79 -9.49 -18.41
CA GLY B 243 -14.34 -10.07 -19.66
C GLY B 243 -14.76 -9.19 -20.83
N ALA B 244 -16.02 -8.74 -20.78
CA ALA B 244 -16.64 -7.93 -21.85
C ALA B 244 -15.88 -6.63 -22.08
N LEU B 245 -15.43 -6.01 -20.98
CA LEU B 245 -14.69 -4.76 -21.05
C LEU B 245 -13.20 -4.97 -21.20
N ARG B 246 -12.77 -6.22 -21.29
CA ARG B 246 -11.36 -6.56 -21.49
C ARG B 246 -10.44 -6.10 -20.36
N GLN B 247 -10.97 -6.11 -19.13
CA GLN B 247 -10.19 -5.67 -17.97
C GLN B 247 -9.30 -6.80 -17.54
N GLU B 248 -8.11 -6.44 -17.09
CA GLU B 248 -7.12 -7.41 -16.65
C GLU B 248 -7.50 -8.17 -15.35
N GLU B 249 -8.09 -7.45 -14.41
CA GLU B 249 -8.47 -8.04 -13.12
C GLU B 249 -9.84 -7.54 -12.65
N VAL B 250 -10.61 -8.45 -12.06
CA VAL B 250 -11.91 -8.10 -11.51
C VAL B 250 -11.80 -8.49 -10.07
N TYR B 251 -12.26 -7.61 -9.20
CA TYR B 251 -12.24 -7.88 -7.79
C TYR B 251 -13.66 -7.86 -7.29
N TYR B 252 -14.11 -8.96 -6.68
CA TYR B 252 -15.46 -8.98 -6.17
C TYR B 252 -15.61 -9.61 -4.77
N ASP B 253 -15.99 -8.80 -3.77
CA ASP B 253 -16.10 -9.24 -2.39
C ASP B 253 -17.05 -8.41 -1.57
N SER B 254 -17.59 -9.00 -0.51
CA SER B 254 -18.48 -8.31 0.44
C SER B 254 -17.87 -7.15 1.23
N SER B 255 -16.60 -7.25 1.58
CA SER B 255 -16.00 -6.17 2.35
C SER B 255 -15.40 -5.04 1.53
N ARG B 256 -15.66 -3.82 1.94
CA ARG B 256 -15.08 -2.63 1.32
C ARG B 256 -13.58 -2.56 1.64
N TRP B 257 -13.17 -3.25 2.68
CA TRP B 257 -11.78 -3.26 3.06
C TRP B 257 -10.95 -4.11 2.10
N THR B 258 -11.59 -5.11 1.51
CA THR B 258 -10.99 -5.96 0.48
C THR B 258 -10.73 -5.11 -0.72
N THR B 259 -11.77 -4.43 -1.17
CA THR B 259 -11.68 -3.59 -2.34
C THR B 259 -10.63 -2.47 -2.17
N LEU B 260 -10.38 -2.09 -0.93
CA LEU B 260 -9.42 -1.03 -0.62
C LEU B 260 -7.97 -1.50 -0.60
N LEU B 261 -7.75 -2.69 -0.09
CA LEU B 261 -6.41 -3.21 0.08
C LEU B 261 -5.89 -4.25 -0.93
N ILE B 262 -6.80 -4.91 -1.66
CA ILE B 262 -6.51 -6.03 -2.55
C ILE B 262 -5.59 -5.79 -3.75
N ARG B 263 -5.70 -4.63 -4.36
CA ARG B 263 -4.88 -4.29 -5.48
C ARG B 263 -3.44 -4.10 -5.05
N ASN B 264 -2.51 -4.37 -5.95
CA ASN B 264 -1.08 -4.26 -5.68
C ASN B 264 -0.38 -3.37 -6.71
N PRO B 265 -0.59 -2.04 -6.60
CA PRO B 265 0.03 -1.05 -7.51
C PRO B 265 1.54 -1.16 -7.61
N CYS B 266 2.17 -1.64 -6.55
CA CYS B 266 3.63 -1.79 -6.52
C CYS B 266 4.08 -2.89 -7.48
N ARG B 267 3.24 -3.91 -7.65
CA ARG B 267 3.55 -5.00 -8.57
C ARG B 267 3.55 -4.47 -10.00
N LYS B 268 2.50 -3.73 -10.35
CA LYS B 268 2.36 -3.07 -11.64
C LYS B 268 3.55 -2.10 -11.92
N ILE B 269 3.95 -1.33 -10.91
CA ILE B 269 5.09 -0.42 -11.09
C ILE B 269 6.34 -1.24 -11.40
N LEU B 270 6.61 -2.25 -10.59
CA LEU B 270 7.76 -3.13 -10.82
C LEU B 270 7.78 -3.76 -12.22
N GLU B 271 6.63 -4.30 -12.62
CA GLU B 271 6.49 -4.94 -13.92
C GLU B 271 6.84 -3.94 -15.01
N GLU B 272 6.36 -2.71 -14.85
CA GLU B 272 6.64 -1.65 -15.80
C GLU B 272 8.13 -1.23 -15.80
N LEU B 273 8.75 -1.11 -14.63
CA LEU B 273 10.20 -0.87 -14.53
C LEU B 273 11.03 -2.00 -15.20
N TYR B 274 10.70 -3.26 -14.92
CA TYR B 274 11.41 -4.43 -15.48
C TYR B 274 11.26 -4.57 -16.99
N SER B 275 10.20 -4.01 -17.57
CA SER B 275 9.98 -4.11 -19.01
C SER B 275 11.03 -3.49 -19.91
N THR B 276 11.80 -2.55 -19.38
CA THR B 276 12.85 -1.86 -20.13
C THR B 276 14.19 -2.65 -20.09
N SER B 277 14.27 -3.66 -19.22
CA SER B 277 15.48 -4.45 -19.07
C SER B 277 15.54 -5.74 -19.90
N TYR B 278 14.63 -5.88 -20.85
CA TYR B 278 14.65 -7.04 -21.69
C TYR B 278 14.21 -6.73 -23.11
N ASN B 279 14.83 -7.40 -24.07
CA ASN B 279 14.55 -7.24 -25.51
C ASN B 279 13.91 -8.51 -26.04
N MET B 280 12.68 -8.38 -26.54
CA MET B 280 11.96 -9.53 -27.07
C MET B 280 11.91 -9.67 -28.60
N ASP B 281 12.33 -8.66 -29.34
CA ASP B 281 12.24 -8.77 -30.81
C ASP B 281 13.13 -9.92 -31.25
N ARG B 282 12.50 -11.08 -31.43
CA ARG B 282 13.16 -12.33 -31.77
C ARG B 282 12.31 -13.42 -31.15
N SER C 6 36.48 13.16 34.60
CA SER C 6 37.66 13.84 34.06
C SER C 6 38.53 12.97 33.14
N MET C 7 38.84 11.76 33.60
CA MET C 7 39.68 10.81 32.86
C MET C 7 38.86 9.75 32.14
N THR C 8 37.57 10.02 31.98
CA THR C 8 36.68 9.08 31.33
C THR C 8 36.32 9.52 29.94
N GLY C 9 35.97 8.55 29.10
CA GLY C 9 35.56 8.79 27.73
C GLY C 9 34.84 7.58 27.18
N GLY C 10 34.18 7.75 26.04
CA GLY C 10 33.48 6.67 25.36
C GLY C 10 32.11 7.04 24.81
N GLN C 11 31.51 6.08 24.09
CA GLN C 11 30.18 6.23 23.50
C GLN C 11 29.27 5.05 23.91
N GLN C 12 27.99 5.33 24.13
CA GLN C 12 27.06 4.28 24.51
C GLN C 12 26.37 3.65 23.28
N MET C 13 26.44 4.32 22.15
CA MET C 13 25.81 3.83 20.94
C MET C 13 26.71 3.08 19.96
N GLY C 14 26.87 1.77 20.16
CA GLY C 14 27.67 0.97 19.24
C GLY C 14 26.81 0.00 18.43
N ARG C 15 27.13 -1.29 18.53
CA ARG C 15 26.35 -2.34 17.86
C ARG C 15 24.98 -2.53 18.51
N GLY C 16 23.92 -2.44 17.69
CA GLY C 16 22.53 -2.66 18.11
C GLY C 16 21.85 -1.51 18.81
N SER C 17 22.48 -0.34 18.74
CA SER C 17 21.95 0.86 19.38
C SER C 17 20.89 1.59 18.51
N ASN C 18 20.75 1.14 17.26
CA ASN C 18 19.78 1.72 16.31
C ASN C 18 18.54 0.84 16.46
N GLU C 19 18.77 -0.28 17.13
CA GLU C 19 17.74 -1.28 17.29
C GLU C 19 17.32 -1.46 18.74
N GLU C 20 18.29 -1.53 19.65
CA GLU C 20 18.02 -1.86 21.06
C GLU C 20 18.35 -0.79 22.12
N PHE C 21 17.30 -0.16 22.64
CA PHE C 21 17.42 0.93 23.61
C PHE C 21 17.90 0.48 24.98
N ARG C 22 18.62 1.39 25.63
CA ARG C 22 19.07 1.19 26.99
C ARG C 22 19.03 2.60 27.60
N PRO C 23 18.50 2.70 28.81
CA PRO C 23 18.42 3.93 29.63
C PRO C 23 19.74 4.73 29.59
N GLU C 24 20.85 3.99 29.58
CA GLU C 24 22.21 4.55 29.53
C GLU C 24 22.46 5.41 28.31
N MET C 25 21.59 5.30 27.31
CA MET C 25 21.77 6.14 26.14
C MET C 25 21.52 7.63 26.45
N LEU C 26 20.79 7.88 27.54
CA LEU C 26 20.43 9.22 27.99
C LEU C 26 21.35 9.74 29.13
N GLN C 27 22.10 8.86 29.74
CA GLN C 27 23.01 9.24 30.81
C GLN C 27 23.93 10.41 30.38
N GLY C 28 23.75 11.56 31.04
CA GLY C 28 24.54 12.77 30.79
C GLY C 28 24.16 13.56 29.55
N LYS C 29 23.10 13.13 28.87
CA LYS C 29 22.63 13.84 27.70
C LYS C 29 21.97 15.14 28.17
N LYS C 30 22.04 16.16 27.32
CA LYS C 30 21.46 17.48 27.61
C LYS C 30 20.12 17.62 26.87
N VAL C 31 19.05 17.66 27.65
CA VAL C 31 17.71 17.61 27.13
C VAL C 31 16.77 18.70 27.58
N ILE C 32 16.08 19.26 26.58
CA ILE C 32 14.96 20.15 26.78
C ILE C 32 13.65 19.35 26.64
N VAL C 33 12.71 19.59 27.56
CA VAL C 33 11.34 19.04 27.50
C VAL C 33 10.35 20.24 27.64
N THR C 34 9.50 20.49 26.64
CA THR C 34 8.52 21.59 26.75
C THR C 34 7.25 20.96 27.24
N GLY C 35 6.33 21.78 27.69
CA GLY C 35 5.10 21.26 28.24
C GLY C 35 5.36 20.18 29.30
N ALA C 36 6.40 20.37 30.09
CA ALA C 36 6.83 19.38 31.07
C ALA C 36 6.36 19.56 32.55
N SER C 37 5.36 20.40 32.79
CA SER C 37 4.82 20.57 34.16
C SER C 37 3.73 19.53 34.49
N LYS C 38 3.16 18.89 33.46
CA LYS C 38 2.11 17.88 33.63
C LYS C 38 2.16 16.87 32.50
N GLY C 39 1.27 15.90 32.60
CA GLY C 39 1.04 14.84 31.63
C GLY C 39 2.24 14.08 31.10
N ILE C 40 2.28 13.93 29.78
CA ILE C 40 3.36 13.22 29.11
C ILE C 40 4.69 13.93 29.21
N GLY C 41 4.70 15.26 29.14
CA GLY C 41 5.96 15.99 29.30
C GLY C 41 6.55 15.77 30.67
N ARG C 42 5.73 15.84 31.72
CA ARG C 42 6.22 15.56 33.08
C ARG C 42 6.76 14.12 33.26
N GLU C 43 6.08 13.13 32.68
CA GLU C 43 6.59 11.76 32.70
C GLU C 43 7.94 11.66 31.97
N MET C 44 8.10 12.38 30.86
CA MET C 44 9.36 12.36 30.15
C MET C 44 10.47 12.93 31.00
N ALA C 45 10.21 14.03 31.72
CA ALA C 45 11.26 14.61 32.57
C ALA C 45 11.68 13.56 33.62
N TYR C 46 10.71 12.83 34.13
CA TYR C 46 10.95 11.82 35.17
C TYR C 46 11.79 10.65 34.65
N HIS C 47 11.40 10.12 33.50
CA HIS C 47 12.19 9.04 32.90
C HIS C 47 13.63 9.51 32.73
N LEU C 48 13.77 10.69 32.14
CA LEU C 48 15.08 11.27 31.81
C LEU C 48 15.97 11.49 33.04
N ALA C 49 15.33 11.92 34.12
CA ALA C 49 15.98 12.10 35.40
C ALA C 49 16.55 10.75 35.92
N LYS C 50 15.74 9.71 35.93
CA LYS C 50 16.21 8.38 36.31
C LYS C 50 17.39 7.92 35.45
N MET C 51 17.33 8.18 34.15
CA MET C 51 18.42 7.82 33.24
C MET C 51 19.67 8.65 33.44
N GLY C 52 19.58 9.62 34.35
CA GLY C 52 20.67 10.51 34.70
C GLY C 52 21.04 11.49 33.62
N ALA C 53 20.03 12.05 32.98
CA ALA C 53 20.27 13.06 31.98
C ALA C 53 20.23 14.44 32.65
N HIS C 54 20.73 15.44 31.94
CA HIS C 54 20.64 16.84 32.33
C HIS C 54 19.31 17.27 31.74
N VAL C 55 18.47 17.98 32.49
CA VAL C 55 17.20 18.43 31.90
C VAL C 55 16.92 19.88 32.15
N VAL C 56 16.19 20.46 31.21
CA VAL C 56 15.65 21.79 31.36
C VAL C 56 14.21 21.65 30.91
N VAL C 57 13.29 21.95 31.82
CA VAL C 57 11.84 21.84 31.58
C VAL C 57 11.26 23.21 31.47
N THR C 58 10.17 23.29 30.71
CA THR C 58 9.45 24.55 30.51
C THR C 58 7.94 24.34 30.42
N ALA C 59 7.22 25.43 30.70
CA ALA C 59 5.78 25.50 30.75
C ALA C 59 5.47 26.88 31.34
N ARG C 60 4.20 27.22 31.52
CA ARG C 60 3.91 28.54 32.05
C ARG C 60 4.04 28.60 33.59
N SER C 61 3.61 27.54 34.27
CA SER C 61 3.53 27.49 35.74
C SER C 61 4.84 27.25 36.47
N LYS C 62 5.39 28.34 37.02
CA LYS C 62 6.64 28.30 37.74
C LYS C 62 6.58 27.37 38.95
N GLU C 63 5.44 27.37 39.64
CA GLU C 63 5.28 26.55 40.84
C GLU C 63 5.28 25.06 40.53
N THR C 64 4.67 24.68 39.42
CA THR C 64 4.61 23.27 39.06
C THR C 64 5.92 22.80 38.49
N LEU C 65 6.54 23.67 37.73
CA LEU C 65 7.84 23.37 37.18
C LEU C 65 8.81 23.05 38.32
N GLN C 66 8.76 23.84 39.39
CA GLN C 66 9.67 23.66 40.50
C GLN C 66 9.53 22.31 41.13
N LYS C 67 8.30 21.86 41.30
CA LYS C 67 8.06 20.55 41.89
C LYS C 67 8.64 19.45 40.98
N VAL C 68 8.46 19.61 39.66
CA VAL C 68 9.00 18.65 38.68
C VAL C 68 10.52 18.66 38.70
N VAL C 69 11.08 19.85 38.81
CA VAL C 69 12.52 19.98 38.94
C VAL C 69 13.07 19.33 40.24
N SER C 70 12.43 19.58 41.38
CA SER C 70 12.82 18.90 42.64
C SER C 70 12.72 17.35 42.58
N HIS C 71 11.62 16.82 42.04
CA HIS C 71 11.53 15.37 41.92
C HIS C 71 12.57 14.76 40.96
N CYS C 72 12.91 15.50 39.89
CA CYS C 72 13.86 15.06 38.90
C CYS C 72 15.22 14.86 39.53
N LEU C 73 15.63 15.82 40.34
CA LEU C 73 16.90 15.76 41.08
C LEU C 73 16.86 14.57 42.07
N GLU C 74 15.72 14.37 42.69
CA GLU C 74 15.50 13.25 43.62
C GLU C 74 15.68 11.92 42.87
N LEU C 75 15.08 11.83 41.68
CA LEU C 75 15.11 10.62 40.86
C LEU C 75 16.48 10.31 40.33
N GLY C 76 17.37 11.29 40.31
CA GLY C 76 18.72 11.06 39.85
C GLY C 76 19.21 11.84 38.63
N ALA C 77 18.53 12.93 38.29
CA ALA C 77 18.95 13.76 37.15
C ALA C 77 20.36 14.33 37.35
N ALA C 78 21.14 14.37 36.28
CA ALA C 78 22.48 14.91 36.41
C ALA C 78 22.41 16.36 36.84
N SER C 79 21.34 17.03 36.45
CA SER C 79 21.10 18.44 36.76
C SER C 79 19.70 18.71 36.26
N ALA C 80 19.01 19.66 36.86
CA ALA C 80 17.61 19.91 36.51
C ALA C 80 17.28 21.33 36.84
N HIS C 81 16.78 22.04 35.81
CA HIS C 81 16.34 23.42 35.91
C HIS C 81 15.00 23.57 35.17
N TYR C 82 14.37 24.71 35.41
CA TYR C 82 13.17 25.12 34.73
C TYR C 82 13.23 26.61 34.33
N ILE C 83 12.58 26.94 33.23
CA ILE C 83 12.38 28.33 32.81
C ILE C 83 10.91 28.45 32.38
N ALA C 84 10.18 29.30 33.09
CA ALA C 84 8.76 29.49 32.87
C ALA C 84 8.47 30.59 31.86
N GLY C 85 7.44 30.34 31.04
CA GLY C 85 7.00 31.28 30.02
C GLY C 85 5.97 30.59 29.15
N THR C 86 5.26 31.41 28.37
CA THR C 86 4.26 30.98 27.42
C THR C 86 4.88 30.88 26.03
N MET C 87 4.57 29.76 25.37
CA MET C 87 4.98 29.49 23.99
C MET C 87 4.14 30.25 22.97
N GLU C 88 3.25 31.11 23.46
CA GLU C 88 2.54 32.07 22.60
C GLU C 88 3.53 33.20 22.25
N ASP C 89 4.56 33.37 23.09
CA ASP C 89 5.56 34.44 22.94
C ASP C 89 6.77 33.88 22.17
N MET C 90 6.91 34.23 20.90
CA MET C 90 8.01 33.69 20.11
C MET C 90 9.40 34.18 20.57
N THR C 91 9.41 35.35 21.22
CA THR C 91 10.63 35.90 21.80
C THR C 91 11.07 35.01 22.97
N PHE C 92 10.11 34.64 23.81
CA PHE C 92 10.38 33.76 24.92
C PHE C 92 10.90 32.42 24.39
N ALA C 93 10.18 31.85 23.43
CA ALA C 93 10.54 30.57 22.84
C ALA C 93 12.01 30.58 22.34
N GLU C 94 12.37 31.63 21.63
CA GLU C 94 13.76 31.77 21.13
C GLU C 94 14.84 31.96 22.21
N GLN C 95 14.60 32.83 23.18
CA GLN C 95 15.56 33.06 24.23
C GLN C 95 15.61 31.90 25.23
N PHE C 96 14.51 31.15 25.30
CA PHE C 96 14.46 30.01 26.21
C PHE C 96 15.53 28.99 25.82
N VAL C 97 15.69 28.74 24.52
CA VAL C 97 16.70 27.78 24.09
C VAL C 97 18.15 28.22 24.39
N ALA C 98 18.50 29.45 24.05
CA ALA C 98 19.82 29.94 24.44
C ALA C 98 20.00 29.75 25.96
N GLN C 99 19.05 30.23 26.76
CA GLN C 99 19.13 30.08 28.22
C GLN C 99 19.34 28.64 28.66
N ALA C 100 18.47 27.75 28.17
CA ALA C 100 18.59 26.35 28.49
C ALA C 100 20.00 25.78 28.10
N GLY C 101 20.49 26.17 26.92
CA GLY C 101 21.80 25.76 26.41
C GLY C 101 22.91 26.21 27.35
N LYS C 102 22.81 27.43 27.83
CA LYS C 102 23.78 27.96 28.77
C LYS C 102 23.74 27.17 30.11
N LEU C 103 22.54 26.91 30.63
CA LEU C 103 22.46 26.11 31.86
C LEU C 103 23.11 24.73 31.77
N MET C 104 23.02 24.09 30.60
CA MET C 104 23.50 22.72 30.46
C MET C 104 24.84 22.66 29.75
N GLY C 105 25.23 23.75 29.11
CA GLY C 105 26.46 23.75 28.35
C GLY C 105 26.30 23.01 27.00
N GLY C 106 25.18 23.23 26.31
CA GLY C 106 24.93 22.62 25.03
C GLY C 106 23.58 21.93 25.02
N LEU C 107 23.31 21.21 23.93
CA LEU C 107 22.04 20.52 23.80
C LEU C 107 22.20 19.29 22.94
N ASP C 108 21.63 18.20 23.41
CA ASP C 108 21.63 16.92 22.66
C ASP C 108 20.27 16.58 22.09
N MET C 109 19.22 16.85 22.87
CA MET C 109 17.88 16.47 22.47
C MET C 109 16.82 17.54 22.76
N LEU C 110 16.03 17.90 21.75
CA LEU C 110 14.98 18.90 21.90
C LEU C 110 13.62 18.22 21.80
N ILE C 111 12.91 18.13 22.92
CA ILE C 111 11.61 17.44 22.93
C ILE C 111 10.51 18.48 22.97
N LEU C 112 9.81 18.60 21.85
CA LEU C 112 8.73 19.60 21.64
C LEU C 112 7.39 18.90 21.90
N ASN C 113 6.80 19.26 23.03
CA ASN C 113 5.61 18.58 23.54
C ASN C 113 4.38 19.44 23.87
N HIS C 114 4.57 20.69 24.27
CA HIS C 114 3.46 21.57 24.66
C HIS C 114 2.38 21.77 23.61
N ILE C 115 1.20 22.15 24.06
CA ILE C 115 0.16 22.59 23.14
C ILE C 115 -0.65 23.64 23.85
N THR C 116 -1.48 24.35 23.11
CA THR C 116 -2.39 25.31 23.71
C THR C 116 -3.61 24.52 24.23
N ASN C 117 -4.17 24.95 25.37
CA ASN C 117 -5.32 24.24 25.93
C ASN C 117 -6.43 23.98 24.89
N THR C 118 -6.94 22.77 24.88
CA THR C 118 -7.95 22.46 23.89
C THR C 118 -8.96 21.42 24.33
N SER C 119 -10.19 21.60 23.86
CA SER C 119 -11.25 20.66 24.20
C SER C 119 -11.86 20.18 22.90
N LEU C 120 -12.80 19.24 23.00
CA LEU C 120 -13.53 18.77 21.85
C LEU C 120 -14.78 19.65 21.64
N ASN C 121 -14.93 20.19 20.44
CA ASN C 121 -16.09 21.02 20.14
C ASN C 121 -16.20 21.04 18.64
N LEU C 122 -17.41 21.16 18.13
CA LEU C 122 -17.61 21.26 16.71
C LEU C 122 -17.06 22.62 16.29
N PHE C 123 -16.53 22.71 15.09
CA PHE C 123 -16.02 24.00 14.67
C PHE C 123 -17.18 24.91 14.19
N HIS C 124 -17.18 26.15 14.65
CA HIS C 124 -18.19 27.09 14.20
C HIS C 124 -17.55 28.35 13.61
N ASP C 125 -17.02 29.19 14.51
CA ASP C 125 -16.42 30.41 14.01
C ASP C 125 -15.30 30.89 14.88
N ASP C 126 -14.67 29.95 15.56
CA ASP C 126 -13.60 30.30 16.47
C ASP C 126 -12.23 30.39 15.78
N ILE C 127 -12.05 31.46 15.00
CA ILE C 127 -10.79 31.73 14.33
C ILE C 127 -9.62 31.93 15.30
N HIS C 128 -9.92 32.50 16.46
CA HIS C 128 -8.90 32.73 17.47
C HIS C 128 -8.29 31.43 17.92
N HIS C 129 -9.11 30.40 18.10
CA HIS C 129 -8.60 29.15 18.57
C HIS C 129 -7.81 28.51 17.44
N VAL C 130 -8.25 28.70 16.21
CA VAL C 130 -7.53 28.12 15.09
C VAL C 130 -6.11 28.75 14.98
N ARG C 131 -6.04 30.08 15.04
CA ARG C 131 -4.77 30.85 14.96
C ARG C 131 -3.85 30.50 16.13
N LYS C 132 -4.39 30.53 17.33
CA LYS C 132 -3.63 30.22 18.53
C LYS C 132 -3.01 28.81 18.49
N SER C 133 -3.81 27.83 18.11
CA SER C 133 -3.37 26.46 17.87
C SER C 133 -2.22 26.43 16.91
N MET C 134 -2.32 27.15 15.81
CA MET C 134 -1.19 27.17 14.86
C MET C 134 0.08 27.83 15.46
N GLU C 135 -0.09 28.85 16.27
CA GLU C 135 1.04 29.62 16.81
C GLU C 135 1.73 28.83 17.87
N VAL C 136 0.95 28.30 18.79
CA VAL C 136 1.52 27.54 19.92
C VAL C 136 1.95 26.14 19.52
N ASN C 137 1.03 25.35 18.94
CA ASN C 137 1.32 23.96 18.61
C ASN C 137 2.27 23.80 17.46
N PHE C 138 2.41 24.82 16.61
CA PHE C 138 3.20 24.62 15.40
C PHE C 138 4.35 25.64 15.24
N LEU C 139 3.98 26.91 15.08
CA LEU C 139 4.98 27.94 14.88
C LEU C 139 6.09 27.97 15.91
N SER C 140 5.72 27.89 17.19
CA SER C 140 6.67 27.92 18.29
C SER C 140 7.65 26.76 18.26
N TYR C 141 7.20 25.66 17.66
CA TYR C 141 8.02 24.45 17.49
C TYR C 141 9.11 24.77 16.48
N VAL C 142 8.74 25.50 15.42
CA VAL C 142 9.67 25.90 14.38
C VAL C 142 10.63 26.95 14.96
N VAL C 143 10.13 27.93 15.67
CA VAL C 143 11.02 28.93 16.29
C VAL C 143 12.08 28.23 17.19
N LEU C 144 11.62 27.25 17.98
CA LEU C 144 12.47 26.51 18.93
C LEU C 144 13.50 25.66 18.21
N THR C 145 13.11 25.13 17.07
CA THR C 145 14.03 24.35 16.23
C THR C 145 15.09 25.25 15.64
N VAL C 146 14.67 26.41 15.12
CA VAL C 146 15.65 27.34 14.60
C VAL C 146 16.63 27.73 15.71
N ALA C 147 16.11 27.98 16.93
CA ALA C 147 16.99 28.42 18.03
C ALA C 147 17.98 27.35 18.50
N ALA C 148 17.58 26.08 18.40
CA ALA C 148 18.37 24.93 18.86
C ALA C 148 19.36 24.34 17.88
N LEU C 149 19.10 24.54 16.60
CA LEU C 149 19.90 23.90 15.56
C LEU C 149 21.45 24.00 15.61
N PRO C 150 22.00 25.20 15.92
CA PRO C 150 23.46 25.32 16.03
C PRO C 150 23.97 24.35 17.11
N MET C 151 23.36 24.37 18.28
CA MET C 151 23.75 23.41 19.31
C MET C 151 23.53 21.94 18.89
N LEU C 152 22.37 21.61 18.34
CA LEU C 152 22.15 20.22 17.91
C LEU C 152 23.13 19.81 16.78
N LYS C 153 23.43 20.73 15.85
CA LYS C 153 24.42 20.41 14.82
C LYS C 153 25.76 19.98 15.49
N GLN C 154 26.15 20.70 16.52
CA GLN C 154 27.40 20.48 17.23
C GLN C 154 27.45 19.14 17.98
N SER C 155 26.31 18.67 18.45
CA SER C 155 26.28 17.40 19.15
C SER C 155 25.78 16.26 18.29
N ASN C 156 25.39 16.57 17.05
CA ASN C 156 24.66 15.62 16.21
C ASN C 156 23.47 15.13 17.05
N GLY C 157 22.63 16.06 17.52
CA GLY C 157 21.53 15.78 18.41
C GLY C 157 20.22 15.38 17.75
N SER C 158 19.13 15.52 18.49
CA SER C 158 17.84 15.10 17.96
C SER C 158 16.77 16.10 18.26
N ILE C 159 15.79 16.16 17.37
CA ILE C 159 14.57 16.91 17.60
C ILE C 159 13.44 15.85 17.77
N VAL C 160 12.71 15.89 18.89
CA VAL C 160 11.59 14.97 19.12
C VAL C 160 10.28 15.79 19.08
N VAL C 161 9.41 15.48 18.13
CA VAL C 161 8.16 16.21 17.90
C VAL C 161 6.96 15.37 18.33
N VAL C 162 6.21 15.87 19.29
CA VAL C 162 5.06 15.13 19.77
C VAL C 162 3.81 15.50 18.99
N SER C 163 3.25 14.50 18.34
CA SER C 163 2.08 14.64 17.52
C SER C 163 0.97 13.68 18.01
N SER C 164 0.04 13.34 17.11
CA SER C 164 -1.09 12.54 17.53
C SER C 164 -1.59 11.82 16.27
N LEU C 165 -2.48 10.85 16.47
CA LEU C 165 -3.16 10.10 15.39
C LEU C 165 -3.97 11.16 14.61
N ALA C 166 -4.43 12.18 15.35
CA ALA C 166 -5.20 13.28 14.78
C ALA C 166 -4.27 14.17 13.98
N GLY C 167 -2.97 13.83 13.95
CA GLY C 167 -1.98 14.48 13.07
C GLY C 167 -1.62 13.59 11.85
N LYS C 168 -2.40 12.51 11.66
CA LYS C 168 -2.20 11.49 10.59
C LYS C 168 -3.55 11.14 9.95
N VAL C 169 -4.62 11.06 10.74
CA VAL C 169 -5.94 10.83 10.13
C VAL C 169 -6.88 11.88 10.70
N ALA C 170 -8.05 12.00 10.09
CA ALA C 170 -9.09 12.93 10.52
C ALA C 170 -10.11 12.48 11.63
N TYR C 171 -10.35 13.35 12.63
CA TYR C 171 -11.34 13.14 13.68
C TYR C 171 -12.17 14.41 13.72
N PRO C 172 -13.48 14.29 14.00
CA PRO C 172 -14.30 15.51 14.16
C PRO C 172 -14.06 16.09 15.58
N MET C 173 -14.29 17.41 15.78
CA MET C 173 -14.16 18.04 17.09
C MET C 173 -12.78 18.51 17.56
N VAL C 174 -11.78 18.33 16.71
CA VAL C 174 -10.41 18.80 16.97
C VAL C 174 -9.84 19.33 15.66
N ALA C 175 -10.67 20.06 14.90
CA ALA C 175 -10.21 20.55 13.62
C ALA C 175 -8.94 21.40 13.66
N ALA C 176 -8.91 22.39 14.56
CA ALA C 176 -7.77 23.32 14.74
C ALA C 176 -6.53 22.60 15.25
N TYR C 177 -6.76 21.73 16.20
CA TYR C 177 -5.69 20.99 16.82
C TYR C 177 -5.01 20.11 15.80
N SER C 178 -5.86 19.46 15.04
CA SER C 178 -5.49 18.52 13.98
C SER C 178 -4.72 19.19 12.84
N ALA C 179 -5.22 20.34 12.39
CA ALA C 179 -4.54 21.16 11.38
C ALA C 179 -3.14 21.46 11.89
N SER C 180 -3.04 21.81 13.17
CA SER C 180 -1.75 22.14 13.80
C SER C 180 -0.79 20.95 13.86
N LYS C 181 -1.33 19.75 14.15
CA LYS C 181 -0.52 18.50 14.17
C LYS C 181 -0.15 18.03 12.76
N PHE C 182 -1.11 18.15 11.85
CA PHE C 182 -0.84 17.82 10.45
C PHE C 182 0.30 18.73 9.96
N ALA C 183 0.19 20.04 10.20
CA ALA C 183 1.23 21.04 9.83
C ALA C 183 2.66 20.62 10.24
N LEU C 184 2.77 20.09 11.46
CA LEU C 184 4.04 19.61 12.01
C LEU C 184 4.65 18.50 11.13
N ASP C 185 3.80 17.56 10.74
CA ASP C 185 4.24 16.49 9.84
C ASP C 185 4.84 17.10 8.54
N GLY C 186 4.08 17.96 7.87
CA GLY C 186 4.56 18.60 6.66
C GLY C 186 5.87 19.31 6.86
N PHE C 187 5.91 20.15 7.87
CA PHE C 187 7.10 20.95 8.09
C PHE C 187 8.31 20.10 8.42
N PHE C 188 8.17 19.30 9.46
CA PHE C 188 9.27 18.47 9.95
C PHE C 188 9.74 17.34 9.04
N SER C 189 8.83 16.85 8.21
CA SER C 189 9.18 15.80 7.27
C SER C 189 9.98 16.41 6.10
N SER C 190 9.66 17.65 5.77
CA SER C 190 10.32 18.39 4.67
C SER C 190 11.74 18.77 5.07
N ILE C 191 11.91 19.31 6.27
CA ILE C 191 13.26 19.63 6.74
C ILE C 191 14.13 18.41 6.94
N ARG C 192 13.51 17.27 7.20
CA ARG C 192 14.26 16.02 7.37
C ARG C 192 14.96 15.65 6.08
N LYS C 193 14.28 15.83 4.95
CA LYS C 193 14.85 15.55 3.65
C LYS C 193 15.92 16.61 3.40
N GLU C 194 15.70 17.81 3.94
CA GLU C 194 16.66 18.89 3.72
C GLU C 194 17.94 18.61 4.47
N TYR C 195 17.82 18.17 5.72
CA TYR C 195 18.98 17.81 6.52
C TYR C 195 19.74 16.63 5.93
N SER C 196 19.01 15.69 5.32
CA SER C 196 19.64 14.53 4.73
C SER C 196 20.58 14.92 3.58
N VAL C 197 20.08 15.72 2.66
CA VAL C 197 20.89 16.12 1.54
C VAL C 197 22.01 17.07 1.90
N SER C 198 21.84 17.83 2.98
CA SER C 198 22.84 18.82 3.40
C SER C 198 23.82 18.29 4.39
N ARG C 199 23.66 17.05 4.80
CA ARG C 199 24.54 16.44 5.81
C ARG C 199 24.46 17.12 7.16
N VAL C 200 23.24 17.42 7.58
CA VAL C 200 23.00 17.97 8.90
C VAL C 200 22.60 16.75 9.70
N ASN C 201 23.51 16.30 10.55
CA ASN C 201 23.27 15.08 11.33
C ASN C 201 22.42 15.31 12.56
N VAL C 202 21.19 15.79 12.35
CA VAL C 202 20.22 16.03 13.47
C VAL C 202 19.01 15.21 13.07
N SER C 203 18.69 14.19 13.86
CA SER C 203 17.56 13.31 13.56
C SER C 203 16.24 14.01 13.97
N ILE C 204 15.13 13.59 13.31
CA ILE C 204 13.80 14.14 13.53
C ILE C 204 12.79 13.00 13.74
N THR C 205 12.21 12.98 14.94
CA THR C 205 11.29 11.96 15.36
C THR C 205 9.88 12.51 15.56
N LEU C 206 8.95 12.06 14.73
CA LEU C 206 7.56 12.47 14.82
C LEU C 206 6.81 11.38 15.61
N CYS C 207 6.28 11.75 16.78
CA CYS C 207 5.53 10.81 17.65
C CYS C 207 4.01 10.91 17.51
N VAL C 208 3.41 9.84 16.98
CA VAL C 208 2.01 9.73 16.67
C VAL C 208 1.33 8.93 17.76
N LEU C 209 0.80 9.63 18.76
CA LEU C 209 0.15 9.03 19.92
C LEU C 209 -1.36 9.00 19.75
N GLY C 210 -1.96 7.90 20.22
CA GLY C 210 -3.39 7.74 20.34
C GLY C 210 -3.82 8.33 21.68
N LEU C 211 -5.03 8.01 22.16
CA LEU C 211 -5.51 8.53 23.46
C LEU C 211 -4.60 8.09 24.60
N ILE C 212 -4.15 9.02 25.44
CA ILE C 212 -3.26 8.74 26.60
C ILE C 212 -3.96 9.25 27.85
N ASP C 213 -3.84 8.47 28.92
CA ASP C 213 -4.52 8.78 30.18
C ASP C 213 -4.09 10.02 30.99
N THR C 214 -3.85 11.16 30.33
CA THR C 214 -3.54 12.38 31.12
C THR C 214 -4.81 12.96 31.72
N GLU C 215 -4.70 13.69 32.82
CA GLU C 215 -5.91 14.30 33.41
C GLU C 215 -6.64 15.16 32.36
N THR C 216 -5.86 15.98 31.69
CA THR C 216 -6.33 16.88 30.66
C THR C 216 -7.15 16.16 29.58
N ALA C 217 -6.58 15.10 29.01
CA ALA C 217 -7.25 14.36 27.94
C ALA C 217 -8.47 13.61 28.43
N MET C 218 -8.33 12.99 29.60
CA MET C 218 -9.43 12.24 30.17
C MET C 218 -10.60 13.18 30.40
N LYS C 219 -10.30 14.39 30.85
CA LYS C 219 -11.37 15.37 31.06
C LYS C 219 -11.99 15.82 29.72
N ALA C 220 -11.14 16.13 28.73
CA ALA C 220 -11.66 16.59 27.46
C ALA C 220 -12.63 15.59 26.75
N VAL C 221 -12.34 14.28 26.83
CA VAL C 221 -13.13 13.22 26.17
C VAL C 221 -14.28 12.62 26.99
N SER C 222 -14.34 12.98 28.26
CA SER C 222 -15.37 12.48 29.16
C SER C 222 -16.74 12.74 28.59
N GLY C 223 -17.55 11.69 28.43
CA GLY C 223 -18.90 11.85 27.91
C GLY C 223 -18.97 11.92 26.40
N ILE C 224 -17.81 11.95 25.75
CA ILE C 224 -17.73 12.03 24.29
C ILE C 224 -17.10 10.80 23.66
N VAL C 225 -15.96 10.38 24.18
CA VAL C 225 -15.23 9.27 23.58
C VAL C 225 -15.24 8.13 24.59
N HIS C 226 -15.53 6.93 24.12
CA HIS C 226 -15.58 5.77 24.98
C HIS C 226 -14.54 4.82 24.40
N MET C 227 -13.28 4.98 24.82
CA MET C 227 -12.20 4.13 24.32
C MET C 227 -11.13 3.99 25.36
N GLN C 228 -10.29 2.98 25.22
CA GLN C 228 -9.20 2.75 26.16
C GLN C 228 -8.10 3.80 25.94
N ALA C 229 -7.59 4.34 27.03
CA ALA C 229 -6.51 5.31 26.98
C ALA C 229 -5.27 4.58 27.38
N ALA C 230 -4.18 4.83 26.68
CA ALA C 230 -2.93 4.17 27.03
C ALA C 230 -2.18 4.86 28.20
N PRO C 231 -1.29 4.14 28.88
CA PRO C 231 -0.65 4.83 30.03
C PRO C 231 0.46 5.85 29.70
N LYS C 232 0.35 7.02 30.30
CA LYS C 232 1.26 8.13 30.07
C LYS C 232 2.73 7.86 30.43
N GLU C 233 2.96 6.95 31.38
CA GLU C 233 4.33 6.67 31.83
C GLU C 233 5.09 5.92 30.72
N GLU C 234 4.36 5.01 30.10
CA GLU C 234 4.86 4.18 29.03
C GLU C 234 4.94 5.02 27.76
N CYS C 235 3.91 5.81 27.50
CA CYS C 235 3.95 6.71 26.34
C CYS C 235 5.23 7.58 26.35
N ALA C 236 5.45 8.23 27.50
CA ALA C 236 6.62 9.04 27.75
C ALA C 236 7.92 8.31 27.43
N LEU C 237 7.98 7.01 27.73
CA LEU C 237 9.19 6.23 27.49
C LEU C 237 9.36 5.90 26.03
N GLU C 238 8.26 5.59 25.37
CA GLU C 238 8.36 5.27 23.96
C GLU C 238 8.84 6.47 23.17
N ILE C 239 8.41 7.64 23.59
CA ILE C 239 8.82 8.88 22.94
C ILE C 239 10.34 9.03 23.09
N ILE C 240 10.83 8.94 24.33
CA ILE C 240 12.24 9.01 24.61
C ILE C 240 13.03 7.97 23.85
N LYS C 241 12.48 6.79 23.76
CA LYS C 241 13.14 5.68 23.08
C LYS C 241 13.38 5.95 21.62
N GLY C 242 12.34 6.39 20.92
CA GLY C 242 12.47 6.74 19.50
C GLY C 242 13.46 7.86 19.29
N GLY C 243 13.45 8.86 20.17
CA GLY C 243 14.38 9.98 20.06
C GLY C 243 15.81 9.45 20.10
N ALA C 244 16.13 8.67 21.13
CA ALA C 244 17.44 8.06 21.29
C ALA C 244 17.87 7.19 20.12
N LEU C 245 16.94 6.40 19.59
CA LEU C 245 17.26 5.49 18.48
C LEU C 245 17.17 6.27 17.17
N ARG C 246 16.90 7.57 17.25
CA ARG C 246 16.81 8.39 16.02
C ARG C 246 15.85 7.78 14.97
N GLN C 247 14.68 7.37 15.42
CA GLN C 247 13.65 6.84 14.52
C GLN C 247 12.85 8.04 13.98
N GLU C 248 12.43 7.97 12.73
CA GLU C 248 11.71 9.03 12.08
C GLU C 248 10.32 9.20 12.68
N GLU C 249 9.68 8.08 12.91
CA GLU C 249 8.35 8.08 13.48
C GLU C 249 8.19 7.04 14.57
N VAL C 250 7.54 7.43 15.67
CA VAL C 250 7.12 6.51 16.74
C VAL C 250 5.58 6.48 16.69
N TYR C 251 4.99 5.30 16.91
CA TYR C 251 3.53 5.12 16.92
C TYR C 251 3.14 4.46 18.22
N TYR C 252 2.27 5.12 18.99
CA TYR C 252 1.88 4.57 20.28
C TYR C 252 0.36 4.70 20.49
N ASP C 253 -0.31 3.56 20.55
CA ASP C 253 -1.77 3.50 20.73
C ASP C 253 -2.18 2.19 21.39
N SER C 254 -3.37 2.19 21.98
CA SER C 254 -3.93 1.02 22.67
C SER C 254 -4.29 -0.12 21.76
N SER C 255 -4.85 0.21 20.60
CA SER C 255 -5.37 -0.79 19.66
C SER C 255 -4.33 -1.39 18.75
N ARG C 256 -4.40 -2.70 18.63
CA ARG C 256 -3.51 -3.47 17.75
C ARG C 256 -3.84 -3.15 16.29
N TRP C 257 -5.06 -2.69 16.04
CA TRP C 257 -5.51 -2.32 14.71
C TRP C 257 -4.93 -0.99 14.22
N THR C 258 -4.64 -0.09 15.16
CA THR C 258 -4.02 1.18 14.83
C THR C 258 -2.62 0.86 14.40
N THR C 259 -1.96 0.05 15.21
CA THR C 259 -0.56 -0.25 14.96
C THR C 259 -0.42 -0.91 13.60
N LEU C 260 -1.46 -1.61 13.19
CA LEU C 260 -1.44 -2.29 11.89
C LEU C 260 -1.67 -1.36 10.70
N LEU C 261 -2.61 -0.45 10.84
CA LEU C 261 -3.04 0.40 9.72
C LEU C 261 -2.45 1.79 9.66
N ILE C 262 -1.88 2.23 10.78
CA ILE C 262 -1.37 3.60 10.94
C ILE C 262 -0.26 4.01 10.00
N ARG C 263 0.62 3.08 9.65
CA ARG C 263 1.73 3.38 8.73
C ARG C 263 1.29 3.58 7.29
N ASN C 264 2.06 4.39 6.57
CA ASN C 264 1.74 4.70 5.17
C ASN C 264 2.97 4.41 4.30
N PRO C 265 3.34 3.13 4.15
CA PRO C 265 4.47 2.69 3.28
C PRO C 265 4.40 3.30 1.89
N CYS C 266 3.19 3.57 1.39
CA CYS C 266 3.04 4.19 0.07
C CYS C 266 3.58 5.61 -0.06
N ARG C 267 3.50 6.36 1.03
CA ARG C 267 4.03 7.73 1.07
C ARG C 267 5.56 7.70 0.94
N LYS C 268 6.21 6.79 1.67
CA LYS C 268 7.67 6.65 1.59
C LYS C 268 8.12 6.17 0.20
N ILE C 269 7.33 5.28 -0.44
CA ILE C 269 7.66 4.84 -1.80
C ILE C 269 7.57 6.05 -2.70
N LEU C 270 6.43 6.70 -2.68
CA LEU C 270 6.26 7.91 -3.50
C LEU C 270 7.38 8.95 -3.28
N GLU C 271 7.79 9.17 -2.02
CA GLU C 271 8.85 10.15 -1.79
C GLU C 271 10.14 9.75 -2.49
N GLU C 272 10.42 8.45 -2.52
CA GLU C 272 11.64 7.98 -3.15
C GLU C 272 11.53 8.09 -4.68
N LEU C 273 10.38 7.73 -5.20
CA LEU C 273 10.15 7.83 -6.62
C LEU C 273 10.34 9.28 -7.03
N TYR C 274 9.75 10.20 -6.27
CA TYR C 274 9.86 11.63 -6.57
C TYR C 274 11.26 12.20 -6.51
N SER C 275 12.06 11.75 -5.55
CA SER C 275 13.45 12.20 -5.34
C SER C 275 14.32 12.07 -6.61
N THR C 276 13.92 11.20 -7.53
CA THR C 276 14.70 11.02 -8.75
C THR C 276 14.26 12.07 -9.78
N SER C 277 13.43 13.01 -9.35
CA SER C 277 12.99 14.02 -10.29
C SER C 277 13.48 15.43 -9.98
N TYR C 278 14.47 15.56 -9.08
CA TYR C 278 14.99 16.87 -8.68
C TYR C 278 16.40 16.77 -8.16
N GLU D 19 -22.45 10.92 -10.18
CA GLU D 19 -21.69 10.15 -11.14
C GLU D 19 -21.74 10.74 -12.57
N GLU D 20 -20.57 10.84 -13.21
CA GLU D 20 -20.43 11.40 -14.57
C GLU D 20 -20.67 12.92 -14.67
N PHE D 21 -19.58 13.68 -14.80
CA PHE D 21 -19.68 15.15 -14.91
C PHE D 21 -20.35 15.71 -16.18
N ARG D 22 -21.09 16.81 -16.01
CA ARG D 22 -21.75 17.49 -17.11
C ARG D 22 -21.63 19.03 -17.00
N PRO D 23 -21.09 19.67 -18.05
CA PRO D 23 -20.89 21.12 -17.99
C PRO D 23 -22.15 21.84 -17.52
N GLU D 24 -23.29 21.23 -17.81
CA GLU D 24 -24.58 21.77 -17.40
C GLU D 24 -24.69 21.87 -15.88
N MET D 25 -23.97 21.02 -15.14
CA MET D 25 -23.97 21.06 -13.66
C MET D 25 -23.54 22.41 -13.06
N LEU D 26 -22.77 23.19 -13.81
CA LEU D 26 -22.31 24.49 -13.34
C LEU D 26 -23.12 25.65 -13.92
N GLN D 27 -24.06 25.34 -14.82
CA GLN D 27 -24.81 26.40 -15.48
C GLN D 27 -25.68 27.07 -14.45
N GLY D 28 -25.57 28.39 -14.31
CA GLY D 28 -26.39 29.17 -13.41
C GLY D 28 -25.93 29.16 -11.96
N LYS D 29 -24.87 28.40 -11.70
CA LYS D 29 -24.31 28.28 -10.37
C LYS D 29 -23.54 29.53 -10.01
N LYS D 30 -23.60 29.87 -8.73
CA LYS D 30 -22.91 31.01 -8.19
C LYS D 30 -21.59 30.55 -7.53
N VAL D 31 -20.48 30.97 -8.13
CA VAL D 31 -19.15 30.50 -7.75
C VAL D 31 -18.18 31.60 -7.45
N ILE D 32 -17.31 31.33 -6.50
CA ILE D 32 -16.24 32.23 -6.08
C ILE D 32 -14.96 31.50 -6.42
N VAL D 33 -13.95 32.24 -6.90
CA VAL D 33 -12.65 31.67 -7.23
C VAL D 33 -11.61 32.63 -6.71
N THR D 34 -10.74 32.15 -5.82
CA THR D 34 -9.71 33.04 -5.27
C THR D 34 -8.46 32.78 -6.08
N GLY D 35 -7.47 33.67 -5.98
CA GLY D 35 -6.25 33.51 -6.77
C GLY D 35 -6.64 33.31 -8.21
N ALA D 36 -7.59 34.14 -8.66
CA ALA D 36 -8.20 33.97 -9.98
C ALA D 36 -7.69 34.88 -11.10
N SER D 37 -6.64 35.66 -10.83
CA SER D 37 -6.07 36.57 -11.82
C SER D 37 -5.03 35.90 -12.71
N LYS D 38 -4.55 34.73 -12.28
CA LYS D 38 -3.56 33.98 -13.06
C LYS D 38 -3.60 32.50 -12.73
N GLY D 39 -2.80 31.74 -13.46
CA GLY D 39 -2.63 30.31 -13.33
C GLY D 39 -3.90 29.47 -13.27
N ILE D 40 -3.90 28.51 -12.36
CA ILE D 40 -5.03 27.64 -12.19
C ILE D 40 -6.36 28.36 -11.95
N GLY D 41 -6.32 29.35 -11.05
CA GLY D 41 -7.50 30.13 -10.68
C GLY D 41 -8.18 30.73 -11.89
N ARG D 42 -7.39 31.44 -12.70
CA ARG D 42 -7.88 32.06 -13.93
C ARG D 42 -8.45 31.01 -14.89
N GLU D 43 -7.78 29.87 -15.05
CA GLU D 43 -8.31 28.81 -15.89
C GLU D 43 -9.70 28.35 -15.42
N MET D 44 -9.90 28.19 -14.10
CA MET D 44 -11.20 27.76 -13.57
C MET D 44 -12.26 28.83 -13.86
N ALA D 45 -11.92 30.10 -13.67
CA ALA D 45 -12.85 31.19 -14.01
C ALA D 45 -13.34 31.02 -15.48
N TYR D 46 -12.39 30.80 -16.41
CA TYR D 46 -12.68 30.58 -17.82
C TYR D 46 -13.63 29.39 -18.11
N HIS D 47 -13.30 28.22 -17.57
CA HIS D 47 -14.13 27.05 -17.71
C HIS D 47 -15.53 27.31 -17.15
N LEU D 48 -15.61 28.07 -16.06
CA LEU D 48 -16.93 28.34 -15.42
C LEU D 48 -17.72 29.28 -16.30
N ALA D 49 -17.05 30.29 -16.84
CA ALA D 49 -17.69 31.23 -17.77
C ALA D 49 -18.31 30.44 -18.92
N LYS D 50 -17.50 29.70 -19.65
CA LYS D 50 -18.03 28.86 -20.71
C LYS D 50 -19.23 28.00 -20.28
N MET D 51 -19.25 27.56 -19.03
CA MET D 51 -20.33 26.66 -18.58
C MET D 51 -21.60 27.43 -18.23
N GLY D 52 -21.50 28.76 -18.26
CA GLY D 52 -22.60 29.66 -17.98
C GLY D 52 -22.80 29.92 -16.49
N ALA D 53 -21.73 29.88 -15.72
CA ALA D 53 -21.88 30.07 -14.28
C ALA D 53 -21.76 31.53 -14.00
N HIS D 54 -22.23 31.93 -12.82
CA HIS D 54 -22.07 33.31 -12.37
C HIS D 54 -20.77 33.23 -11.60
N VAL D 55 -19.82 34.11 -11.88
CA VAL D 55 -18.55 34.09 -11.15
C VAL D 55 -18.15 35.40 -10.53
N VAL D 56 -17.49 35.30 -9.38
CA VAL D 56 -16.86 36.40 -8.69
C VAL D 56 -15.41 35.90 -8.51
N VAL D 57 -14.46 36.61 -9.10
CA VAL D 57 -13.07 36.23 -9.02
C VAL D 57 -12.35 37.21 -8.10
N THR D 58 -11.26 36.75 -7.47
CA THR D 58 -10.48 37.62 -6.56
C THR D 58 -8.95 37.38 -6.57
N ALA D 59 -8.21 38.46 -6.30
CA ALA D 59 -6.74 38.48 -6.22
C ALA D 59 -6.33 39.91 -5.85
N ARG D 60 -5.05 40.17 -5.70
CA ARG D 60 -4.66 41.54 -5.32
C ARG D 60 -4.67 42.49 -6.53
N SER D 61 -4.45 41.98 -7.73
CA SER D 61 -4.30 42.84 -8.91
C SER D 61 -5.59 43.19 -9.64
N LYS D 62 -6.09 44.40 -9.36
CA LYS D 62 -7.33 44.88 -9.98
C LYS D 62 -7.27 44.79 -11.51
N GLU D 63 -6.22 45.33 -12.09
CA GLU D 63 -6.06 45.36 -13.53
C GLU D 63 -6.11 44.02 -14.20
N THR D 64 -5.47 43.02 -13.59
CA THR D 64 -5.49 41.69 -14.17
C THR D 64 -6.86 41.08 -13.95
N LEU D 65 -7.47 41.39 -12.81
CA LEU D 65 -8.81 40.87 -12.50
C LEU D 65 -9.77 41.35 -13.56
N GLN D 66 -9.76 42.66 -13.85
CA GLN D 66 -10.62 43.25 -14.89
C GLN D 66 -10.51 42.51 -16.21
N LYS D 67 -9.28 42.18 -16.60
CA LYS D 67 -9.07 41.44 -17.84
C LYS D 67 -9.67 40.06 -17.80
N VAL D 68 -9.57 39.39 -16.68
CA VAL D 68 -10.14 38.03 -16.58
C VAL D 68 -11.64 38.16 -16.64
N VAL D 69 -12.16 39.16 -15.95
CA VAL D 69 -13.61 39.40 -15.89
C VAL D 69 -14.21 39.63 -17.27
N SER D 70 -13.57 40.55 -18.01
CA SER D 70 -13.94 40.85 -19.40
C SER D 70 -13.89 39.65 -20.33
N HIS D 71 -12.86 38.81 -20.20
CA HIS D 71 -12.79 37.64 -21.06
C HIS D 71 -13.85 36.64 -20.68
N CYS D 72 -14.21 36.62 -19.40
CA CYS D 72 -15.19 35.67 -18.87
C CYS D 72 -16.57 35.96 -19.44
N LEU D 73 -16.92 37.25 -19.49
CA LEU D 73 -18.19 37.66 -20.09
C LEU D 73 -18.15 37.27 -21.57
N GLU D 74 -17.03 37.52 -22.21
CA GLU D 74 -16.83 37.06 -23.60
C GLU D 74 -17.07 35.55 -23.76
N LEU D 75 -16.60 34.76 -22.80
CA LEU D 75 -16.77 33.30 -22.89
C LEU D 75 -18.20 32.80 -22.67
N GLY D 76 -19.03 33.59 -22.02
CA GLY D 76 -20.42 33.18 -21.79
C GLY D 76 -20.88 33.09 -20.33
N ALA D 77 -20.19 33.79 -19.44
CA ALA D 77 -20.55 33.76 -18.06
C ALA D 77 -21.90 34.41 -17.89
N ALA D 78 -22.81 33.78 -17.14
CA ALA D 78 -24.12 34.39 -16.86
C ALA D 78 -23.91 35.76 -16.23
N SER D 79 -22.83 35.92 -15.48
CA SER D 79 -22.51 37.21 -14.86
C SER D 79 -21.08 37.10 -14.35
N ALA D 80 -20.37 38.23 -14.23
CA ALA D 80 -18.96 38.16 -13.85
C ALA D 80 -18.47 39.41 -13.17
N HIS D 81 -17.94 39.26 -11.96
CA HIS D 81 -17.38 40.38 -11.23
C HIS D 81 -16.01 40.03 -10.62
N TYR D 82 -15.33 41.04 -10.11
CA TYR D 82 -14.06 40.85 -9.43
C TYR D 82 -14.06 41.77 -8.25
N ILE D 83 -13.39 41.38 -7.18
CA ILE D 83 -13.21 42.26 -6.02
C ILE D 83 -11.75 42.12 -5.67
N ALA D 84 -10.99 43.21 -5.70
CA ALA D 84 -9.53 43.17 -5.41
C ALA D 84 -9.18 43.33 -3.93
N GLY D 85 -8.09 42.69 -3.51
CA GLY D 85 -7.66 42.73 -2.13
C GLY D 85 -6.73 41.60 -1.76
N THR D 86 -6.10 41.72 -0.60
CA THR D 86 -5.10 40.76 -0.16
C THR D 86 -5.67 39.86 0.89
N MET D 87 -5.43 38.56 0.71
CA MET D 87 -5.89 37.54 1.64
C MET D 87 -5.05 37.46 2.92
N GLU D 88 -3.99 38.28 3.01
CA GLU D 88 -3.27 38.49 4.29
C GLU D 88 -4.18 39.26 5.29
N ASP D 89 -5.15 40.00 4.76
CA ASP D 89 -6.09 40.81 5.56
C ASP D 89 -7.33 39.96 5.74
N MET D 90 -7.52 39.49 6.97
CA MET D 90 -8.62 38.61 7.35
C MET D 90 -9.95 39.40 7.36
N THR D 91 -9.87 40.70 7.49
CA THR D 91 -11.11 41.48 7.47
C THR D 91 -11.57 41.52 6.02
N PHE D 92 -10.62 41.75 5.10
CA PHE D 92 -10.97 41.74 3.66
C PHE D 92 -11.61 40.40 3.29
N ALA D 93 -10.96 39.29 3.67
CA ALA D 93 -11.45 37.92 3.37
C ALA D 93 -12.91 37.73 3.75
N GLU D 94 -13.24 38.12 4.96
CA GLU D 94 -14.62 37.97 5.48
C GLU D 94 -15.63 38.85 4.72
N GLN D 95 -15.29 40.13 4.56
CA GLN D 95 -16.11 41.12 3.85
C GLN D 95 -16.26 40.81 2.36
N PHE D 96 -15.25 40.18 1.78
CA PHE D 96 -15.29 39.77 0.37
C PHE D 96 -16.41 38.76 0.10
N VAL D 97 -16.54 37.80 1.01
CA VAL D 97 -17.55 36.78 0.81
C VAL D 97 -18.95 37.37 0.79
N ALA D 98 -19.19 38.30 1.69
CA ALA D 98 -20.49 38.95 1.77
C ALA D 98 -20.71 39.81 0.52
N GLN D 99 -19.69 40.59 0.10
CA GLN D 99 -19.84 41.40 -1.12
C GLN D 99 -20.21 40.46 -2.28
N ALA D 100 -19.41 39.42 -2.46
CA ALA D 100 -19.58 38.45 -3.55
C ALA D 100 -20.95 37.74 -3.52
N GLY D 101 -21.44 37.45 -2.32
CA GLY D 101 -22.74 36.81 -2.15
C GLY D 101 -23.85 37.77 -2.51
N LYS D 102 -23.64 39.04 -2.16
CA LYS D 102 -24.59 40.12 -2.48
C LYS D 102 -24.72 40.36 -3.99
N LEU D 103 -23.58 40.31 -4.70
CA LEU D 103 -23.55 40.45 -6.14
C LEU D 103 -24.29 39.34 -6.82
N MET D 104 -24.09 38.11 -6.38
CA MET D 104 -24.71 36.96 -7.06
C MET D 104 -26.07 36.57 -6.54
N GLY D 105 -26.37 36.99 -5.31
CA GLY D 105 -27.63 36.70 -4.68
C GLY D 105 -27.61 35.27 -4.19
N GLY D 106 -26.47 34.86 -3.64
CA GLY D 106 -26.32 33.52 -3.09
C GLY D 106 -24.94 32.97 -3.38
N LEU D 107 -24.71 31.71 -2.98
CA LEU D 107 -23.43 31.07 -3.23
C LEU D 107 -23.58 29.59 -3.25
N ASP D 108 -23.16 28.97 -4.35
CA ASP D 108 -23.20 27.54 -4.55
C ASP D 108 -21.80 26.88 -4.39
N MET D 109 -20.74 27.55 -4.83
CA MET D 109 -19.44 26.91 -4.72
C MET D 109 -18.29 27.89 -4.38
N LEU D 110 -17.50 27.49 -3.39
CA LEU D 110 -16.38 28.30 -2.91
C LEU D 110 -15.08 27.63 -3.26
N ILE D 111 -14.38 28.20 -4.22
CA ILE D 111 -13.10 27.65 -4.65
C ILE D 111 -11.95 28.42 -4.01
N LEU D 112 -11.24 27.75 -3.10
CA LEU D 112 -10.14 28.36 -2.31
C LEU D 112 -8.86 27.91 -2.97
N ASN D 113 -8.23 28.85 -3.68
CA ASN D 113 -7.10 28.52 -4.55
C ASN D 113 -5.82 29.33 -4.36
N HIS D 114 -5.95 30.55 -3.89
CA HIS D 114 -4.78 31.45 -3.69
C HIS D 114 -3.69 30.91 -2.73
N ILE D 115 -2.47 31.37 -2.90
CA ILE D 115 -1.41 31.09 -1.95
C ILE D 115 -0.53 32.33 -1.88
N THR D 116 0.33 32.42 -0.86
CA THR D 116 1.28 33.53 -0.77
C THR D 116 2.41 33.13 -1.74
N ASN D 117 3.14 34.09 -2.30
CA ASN D 117 4.22 33.78 -3.25
C ASN D 117 5.30 32.98 -2.55
N THR D 118 5.73 31.91 -3.20
CA THR D 118 6.65 30.97 -2.57
C THR D 118 7.64 30.48 -3.61
N SER D 119 8.90 30.38 -3.22
CA SER D 119 9.89 29.77 -4.12
C SER D 119 10.42 28.53 -3.42
N LEU D 120 11.28 27.77 -4.10
CA LEU D 120 11.89 26.60 -3.48
C LEU D 120 13.17 27.08 -2.79
N ASN D 121 13.29 26.79 -1.51
CA ASN D 121 14.48 27.17 -0.75
C ASN D 121 14.60 26.28 0.50
N LEU D 122 15.84 25.96 0.89
CA LEU D 122 16.11 25.25 2.12
C LEU D 122 15.54 26.14 3.26
N PHE D 123 15.11 25.55 4.34
CA PHE D 123 14.63 26.36 5.39
C PHE D 123 15.80 26.64 6.32
N HIS D 124 15.95 27.91 6.68
CA HIS D 124 16.98 28.33 7.62
C HIS D 124 16.41 29.02 8.86
N ASP D 125 15.88 30.22 8.67
CA ASP D 125 15.37 30.98 9.80
C ASP D 125 14.26 31.99 9.46
N ASP D 126 13.60 31.79 8.31
CA ASP D 126 12.56 32.71 7.86
C ASP D 126 11.21 32.35 8.46
N ILE D 127 11.09 32.63 9.75
CA ILE D 127 9.87 32.37 10.47
C ILE D 127 8.75 33.16 9.85
N HIS D 128 9.10 34.35 9.36
CA HIS D 128 8.19 35.28 8.72
C HIS D 128 7.44 34.68 7.56
N HIS D 129 8.13 33.96 6.68
CA HIS D 129 7.51 33.27 5.54
C HIS D 129 6.69 32.07 6.06
N VAL D 130 7.15 31.42 7.13
CA VAL D 130 6.38 30.32 7.74
C VAL D 130 5.02 30.79 8.23
N ARG D 131 5.02 31.96 8.90
CA ARG D 131 3.80 32.57 9.44
C ARG D 131 2.86 33.04 8.33
N LYS D 132 3.42 33.71 7.34
CA LYS D 132 2.65 34.22 6.20
C LYS D 132 2.05 33.10 5.35
N SER D 133 2.79 32.03 5.16
CA SER D 133 2.23 30.87 4.48
C SER D 133 1.04 30.33 5.30
N MET D 134 1.17 30.23 6.61
CA MET D 134 0.03 29.72 7.39
C MET D 134 -1.19 30.63 7.29
N GLU D 135 -0.97 31.93 7.42
CA GLU D 135 -2.02 32.97 7.39
C GLU D 135 -2.77 33.04 6.05
N VAL D 136 -2.01 33.03 4.97
CA VAL D 136 -2.57 33.14 3.62
C VAL D 136 -3.07 31.82 3.04
N ASN D 137 -2.22 30.80 3.09
CA ASN D 137 -2.59 29.50 2.53
C ASN D 137 -3.60 28.72 3.37
N PHE D 138 -3.66 28.99 4.67
CA PHE D 138 -4.49 28.18 5.54
C PHE D 138 -5.57 28.95 6.32
N LEU D 139 -5.12 29.85 7.18
CA LEU D 139 -6.02 30.66 7.98
C LEU D 139 -7.10 31.39 7.15
N SER D 140 -6.70 32.03 6.04
CA SER D 140 -7.65 32.78 5.24
C SER D 140 -8.73 31.89 4.62
N TYR D 141 -8.36 30.64 4.34
CA TYR D 141 -9.34 29.63 3.85
C TYR D 141 -10.37 29.38 4.92
N VAL D 142 -9.91 29.29 6.17
CA VAL D 142 -10.84 29.03 7.30
C VAL D 142 -11.78 30.22 7.43
N VAL D 143 -11.24 31.44 7.32
CA VAL D 143 -12.06 32.64 7.46
C VAL D 143 -13.10 32.77 6.35
N LEU D 144 -12.70 32.42 5.14
CA LEU D 144 -13.56 32.47 3.99
C LEU D 144 -14.66 31.45 4.14
N THR D 145 -14.35 30.29 4.69
CA THR D 145 -15.32 29.22 4.90
C THR D 145 -16.34 29.65 5.92
N VAL D 146 -15.87 30.25 7.01
CA VAL D 146 -16.81 30.69 8.04
C VAL D 146 -17.84 31.68 7.51
N ALA D 147 -17.35 32.58 6.66
CA ALA D 147 -18.12 33.67 6.05
C ALA D 147 -19.09 33.14 5.04
N ALA D 148 -18.65 32.12 4.29
CA ALA D 148 -19.44 31.54 3.24
C ALA D 148 -20.45 30.51 3.66
N LEU D 149 -20.23 29.89 4.81
CA LEU D 149 -21.08 28.77 5.25
C LEU D 149 -22.59 28.93 5.27
N PRO D 150 -23.10 30.01 5.88
CA PRO D 150 -24.57 30.19 5.93
C PRO D 150 -25.20 30.13 4.52
N MET D 151 -24.56 30.79 3.55
CA MET D 151 -25.04 30.77 2.16
C MET D 151 -24.94 29.41 1.49
N LEU D 152 -23.84 28.70 1.76
CA LEU D 152 -23.64 27.38 1.19
C LEU D 152 -24.63 26.39 1.83
N LYS D 153 -24.99 26.63 3.08
CA LYS D 153 -25.91 25.73 3.75
C LYS D 153 -27.28 25.85 3.06
N GLN D 154 -27.64 27.10 2.77
CA GLN D 154 -28.88 27.46 2.10
C GLN D 154 -29.00 26.81 0.73
N SER D 155 -27.88 26.64 0.05
CA SER D 155 -27.88 26.03 -1.27
C SER D 155 -27.41 24.56 -1.27
N ASN D 156 -26.94 24.09 -0.12
CA ASN D 156 -26.41 22.74 -0.01
C ASN D 156 -25.28 22.71 -0.99
N GLY D 157 -24.44 23.75 -0.92
CA GLY D 157 -23.33 23.96 -1.82
C GLY D 157 -22.05 23.17 -1.55
N SER D 158 -20.92 23.73 -2.02
CA SER D 158 -19.65 23.03 -1.95
C SER D 158 -18.47 23.94 -1.71
N ILE D 159 -17.46 23.38 -1.03
CA ILE D 159 -16.22 24.07 -0.77
C ILE D 159 -15.17 23.26 -1.48
N VAL D 160 -14.35 23.94 -2.30
CA VAL D 160 -13.28 23.30 -3.07
C VAL D 160 -11.93 23.84 -2.55
N VAL D 161 -11.12 22.94 -1.98
CA VAL D 161 -9.85 23.34 -1.40
C VAL D 161 -8.69 22.82 -2.25
N VAL D 162 -7.91 23.74 -2.79
CA VAL D 162 -6.77 23.41 -3.64
C VAL D 162 -5.51 23.18 -2.84
N SER D 163 -5.03 21.95 -2.91
CA SER D 163 -3.82 21.53 -2.22
C SER D 163 -2.73 21.07 -3.21
N SER D 164 -1.90 20.13 -2.78
CA SER D 164 -0.77 19.73 -3.58
C SER D 164 -0.36 18.35 -3.14
N LEU D 165 0.52 17.73 -3.92
CA LEU D 165 1.08 16.47 -3.48
C LEU D 165 1.88 16.75 -2.17
N ALA D 166 2.49 17.95 -2.08
CA ALA D 166 3.30 18.42 -0.93
C ALA D 166 2.40 18.70 0.30
N GLY D 167 1.11 18.43 0.14
CA GLY D 167 0.18 18.50 1.22
C GLY D 167 -0.30 17.11 1.56
N LYS D 168 0.39 16.10 0.98
CA LYS D 168 0.13 14.65 1.23
C LYS D 168 1.42 13.88 1.55
N VAL D 169 2.53 14.26 0.89
CA VAL D 169 3.83 13.59 1.13
C VAL D 169 4.85 14.70 1.29
N ALA D 170 6.04 14.37 1.78
CA ALA D 170 7.05 15.37 2.02
C ALA D 170 8.05 15.63 0.87
N TYR D 171 8.39 16.90 0.66
CA TYR D 171 9.34 17.31 -0.38
C TYR D 171 10.28 18.22 0.33
N PRO D 172 11.54 18.28 -0.08
CA PRO D 172 12.45 19.26 0.53
C PRO D 172 12.16 20.60 -0.14
N MET D 173 12.67 21.68 0.45
CA MET D 173 12.55 23.02 -0.14
C MET D 173 11.21 23.76 -0.10
N VAL D 174 10.19 23.14 0.49
CA VAL D 174 8.85 23.72 0.61
C VAL D 174 8.29 23.42 1.99
N ALA D 175 9.16 23.45 2.99
CA ALA D 175 8.70 23.22 4.38
C ALA D 175 7.47 24.02 4.77
N ALA D 176 7.55 25.35 4.75
CA ALA D 176 6.44 26.25 5.13
C ALA D 176 5.19 25.98 4.32
N TYR D 177 5.34 26.07 3.00
CA TYR D 177 4.26 25.86 2.07
C TYR D 177 3.52 24.54 2.37
N SER D 178 4.33 23.51 2.56
CA SER D 178 3.89 22.15 2.78
C SER D 178 3.20 21.98 4.16
N ALA D 179 3.71 22.63 5.17
CA ALA D 179 3.07 22.70 6.47
C ALA D 179 1.67 23.28 6.26
N SER D 180 1.58 24.33 5.45
CA SER D 180 0.30 24.96 5.20
C SER D 180 -0.71 24.06 4.51
N LYS D 181 -0.21 23.23 3.60
CA LYS D 181 -1.03 22.31 2.79
C LYS D 181 -1.52 21.08 3.54
N PHE D 182 -0.65 20.55 4.39
CA PHE D 182 -1.03 19.48 5.31
C PHE D 182 -2.10 20.07 6.26
N ALA D 183 -1.90 21.31 6.73
CA ALA D 183 -2.86 21.95 7.64
C ALA D 183 -4.31 21.94 7.09
N LEU D 184 -4.47 22.27 5.81
CA LEU D 184 -5.75 22.19 5.11
C LEU D 184 -6.40 20.81 5.17
N ASP D 185 -5.63 19.77 4.90
CA ASP D 185 -6.14 18.39 5.00
C ASP D 185 -6.65 18.12 6.42
N GLY D 186 -5.84 18.39 7.44
CA GLY D 186 -6.22 18.19 8.82
C GLY D 186 -7.45 18.96 9.18
N PHE D 187 -7.48 20.23 8.77
CA PHE D 187 -8.63 21.05 9.13
C PHE D 187 -9.89 20.64 8.38
N PHE D 188 -9.80 20.63 7.07
CA PHE D 188 -10.95 20.33 6.23
C PHE D 188 -11.49 18.90 6.30
N SER D 189 -10.62 17.93 6.57
CA SER D 189 -11.09 16.56 6.75
C SER D 189 -11.84 16.40 8.08
N SER D 190 -11.46 17.19 9.09
CA SER D 190 -12.13 17.17 10.40
C SER D 190 -13.54 17.74 10.29
N ILE D 191 -13.67 18.91 9.72
CA ILE D 191 -15.00 19.49 9.56
C ILE D 191 -15.90 18.68 8.64
N ARG D 192 -15.34 18.04 7.62
CA ARG D 192 -16.16 17.18 6.77
C ARG D 192 -16.91 16.11 7.61
N LYS D 193 -16.20 15.47 8.54
CA LYS D 193 -16.75 14.49 9.50
C LYS D 193 -17.80 15.17 10.35
N GLU D 194 -17.47 16.34 10.86
CA GLU D 194 -18.43 17.12 11.61
C GLU D 194 -19.71 17.42 10.80
N TYR D 195 -19.56 17.86 9.55
CA TYR D 195 -20.72 18.18 8.70
C TYR D 195 -21.56 16.95 8.49
N SER D 196 -20.91 15.82 8.39
CA SER D 196 -21.59 14.56 8.18
C SER D 196 -22.56 14.20 9.31
N VAL D 197 -22.09 14.29 10.55
CA VAL D 197 -22.90 13.96 11.71
C VAL D 197 -23.96 15.02 12.06
N SER D 198 -23.68 16.29 11.76
CA SER D 198 -24.61 17.38 12.04
C SER D 198 -25.53 17.69 10.90
N ARG D 199 -25.43 16.92 9.82
CA ARG D 199 -26.28 17.17 8.67
C ARG D 199 -26.11 18.57 8.04
N VAL D 200 -24.85 18.93 7.78
CA VAL D 200 -24.59 20.13 7.04
C VAL D 200 -24.35 19.55 5.67
N ASN D 201 -25.22 19.88 4.73
CA ASN D 201 -25.17 19.28 3.41
C ASN D 201 -24.30 20.15 2.54
N VAL D 202 -23.05 20.34 2.96
CA VAL D 202 -22.03 21.15 2.26
C VAL D 202 -20.85 20.25 1.98
N SER D 203 -20.60 19.97 0.70
CA SER D 203 -19.48 19.08 0.35
C SER D 203 -18.09 19.78 0.43
N ILE D 204 -17.05 18.99 0.65
CA ILE D 204 -15.68 19.48 0.78
C ILE D 204 -14.72 18.64 -0.05
N THR D 205 -14.24 19.26 -1.13
CA THR D 205 -13.35 18.60 -2.05
C THR D 205 -11.95 19.18 -1.87
N LEU D 206 -11.03 18.30 -1.49
CA LEU D 206 -9.61 18.61 -1.37
C LEU D 206 -8.95 18.12 -2.65
N CYS D 207 -8.28 19.04 -3.35
CA CYS D 207 -7.54 18.75 -4.59
C CYS D 207 -6.03 18.64 -4.37
N VAL D 208 -5.50 17.46 -4.68
CA VAL D 208 -4.07 17.13 -4.52
C VAL D 208 -3.41 17.14 -5.89
N LEU D 209 -2.84 18.29 -6.25
CA LEU D 209 -2.21 18.46 -7.57
C LEU D 209 -0.71 18.29 -7.57
N GLY D 210 -0.21 17.72 -8.67
CA GLY D 210 1.20 17.53 -8.95
C GLY D 210 1.69 18.83 -9.56
N LEU D 211 2.91 18.84 -10.13
CA LEU D 211 3.44 20.05 -10.79
C LEU D 211 2.53 20.43 -11.98
N ILE D 212 2.13 21.69 -12.03
CA ILE D 212 1.28 22.21 -13.10
C ILE D 212 2.07 23.29 -13.84
N ASP D 213 1.83 23.40 -15.14
CA ASP D 213 2.58 24.33 -15.96
C ASP D 213 2.22 25.82 -15.83
N THR D 214 1.96 26.33 -14.65
CA THR D 214 1.69 27.76 -14.54
C THR D 214 3.02 28.53 -14.70
N GLU D 215 2.97 29.83 -15.02
CA GLU D 215 4.23 30.59 -15.17
C GLU D 215 5.02 30.58 -13.87
N THR D 216 4.27 30.82 -12.81
CA THR D 216 4.74 30.90 -11.44
C THR D 216 5.52 29.65 -10.98
N ALA D 217 4.92 28.50 -11.21
CA ALA D 217 5.54 27.23 -10.84
C ALA D 217 6.73 26.87 -11.74
N MET D 218 6.61 27.08 -13.05
CA MET D 218 7.70 26.76 -13.99
C MET D 218 8.94 27.57 -13.70
N LYS D 219 8.73 28.80 -13.25
CA LYS D 219 9.84 29.64 -12.85
C LYS D 219 10.44 29.11 -11.55
N ALA D 220 9.58 28.80 -10.58
CA ALA D 220 10.05 28.30 -9.28
C ALA D 220 10.88 26.99 -9.33
N VAL D 221 10.57 26.11 -10.28
CA VAL D 221 11.28 24.85 -10.33
C VAL D 221 12.44 24.81 -11.30
N SER D 222 12.63 25.91 -12.04
CA SER D 222 13.68 25.98 -13.06
C SER D 222 15.04 25.57 -12.49
N GLY D 223 15.69 24.60 -13.15
CA GLY D 223 16.98 24.05 -12.72
C GLY D 223 17.01 23.17 -11.45
N ILE D 224 15.86 22.98 -10.83
CA ILE D 224 15.76 22.17 -9.61
C ILE D 224 14.93 20.94 -9.91
N VAL D 225 13.79 21.16 -10.54
CA VAL D 225 12.87 20.08 -10.79
C VAL D 225 12.75 19.66 -12.25
N HIS D 226 13.05 18.40 -12.47
CA HIS D 226 13.06 17.83 -13.79
C HIS D 226 11.94 16.82 -13.89
N MET D 227 10.72 17.34 -13.89
CA MET D 227 9.57 16.49 -14.04
C MET D 227 8.64 17.12 -15.06
N GLN D 228 7.74 16.30 -15.58
CA GLN D 228 6.75 16.73 -16.56
C GLN D 228 5.68 17.55 -15.79
N ALA D 229 5.39 18.76 -16.26
CA ALA D 229 4.41 19.61 -15.63
C ALA D 229 3.12 19.33 -16.38
N ALA D 230 2.01 19.20 -15.67
CA ALA D 230 0.73 18.93 -16.33
C ALA D 230 0.09 20.22 -16.80
N PRO D 231 -0.87 20.11 -17.74
CA PRO D 231 -1.44 21.37 -18.25
C PRO D 231 -2.47 21.98 -17.30
N LYS D 232 -2.42 23.29 -17.14
CA LYS D 232 -3.30 24.01 -16.25
C LYS D 232 -4.74 23.98 -16.65
N GLU D 233 -4.98 24.07 -17.95
CA GLU D 233 -6.35 24.08 -18.45
C GLU D 233 -7.06 22.83 -17.93
N GLU D 234 -6.44 21.67 -18.14
CA GLU D 234 -7.08 20.39 -17.77
C GLU D 234 -7.18 20.25 -16.25
N CYS D 235 -6.15 20.73 -15.58
CA CYS D 235 -6.11 20.72 -14.11
C CYS D 235 -7.28 21.54 -13.57
N ALA D 236 -7.48 22.73 -14.15
CA ALA D 236 -8.57 23.60 -13.76
C ALA D 236 -9.96 22.95 -13.90
N LEU D 237 -10.13 22.11 -14.92
CA LEU D 237 -11.40 21.43 -15.13
C LEU D 237 -11.56 20.27 -14.19
N GLU D 238 -10.47 19.55 -13.93
CA GLU D 238 -10.57 18.40 -13.03
C GLU D 238 -10.92 18.81 -11.60
N ILE D 239 -10.55 20.04 -11.23
CA ILE D 239 -10.85 20.60 -9.92
C ILE D 239 -12.33 20.92 -9.85
N ILE D 240 -12.84 21.57 -10.91
CA ILE D 240 -14.25 21.95 -11.03
C ILE D 240 -15.12 20.72 -11.00
N LYS D 241 -14.72 19.72 -11.77
CA LYS D 241 -15.46 18.47 -11.84
C LYS D 241 -15.62 17.83 -10.47
N GLY D 242 -14.53 17.68 -9.73
CA GLY D 242 -14.59 17.11 -8.39
C GLY D 242 -15.58 17.85 -7.50
N GLY D 243 -15.56 19.16 -7.57
CA GLY D 243 -16.45 20.02 -6.80
C GLY D 243 -17.89 19.81 -7.17
N ALA D 244 -18.18 19.87 -8.47
CA ALA D 244 -19.52 19.54 -8.99
C ALA D 244 -19.98 18.11 -8.59
N LEU D 245 -19.06 17.16 -8.47
CA LEU D 245 -19.44 15.78 -8.15
C LEU D 245 -19.40 15.53 -6.64
N ARG D 246 -19.01 16.56 -5.91
CA ARG D 246 -18.98 16.47 -4.45
C ARG D 246 -18.03 15.34 -3.97
N GLN D 247 -16.96 15.11 -4.73
CA GLN D 247 -15.97 14.12 -4.36
C GLN D 247 -15.12 14.70 -3.22
N GLU D 248 -14.79 13.84 -2.27
CA GLU D 248 -13.96 14.20 -1.12
C GLU D 248 -12.53 14.63 -1.51
N GLU D 249 -11.95 13.91 -2.45
CA GLU D 249 -10.60 14.22 -2.90
C GLU D 249 -10.47 14.08 -4.41
N VAL D 250 -9.64 14.95 -4.99
CA VAL D 250 -9.32 14.95 -6.43
C VAL D 250 -7.81 14.85 -6.51
N TYR D 251 -7.35 13.98 -7.37
CA TYR D 251 -5.92 13.72 -7.58
C TYR D 251 -5.59 14.01 -9.02
N TYR D 252 -4.63 14.90 -9.25
CA TYR D 252 -4.26 15.23 -10.61
C TYR D 252 -2.77 15.47 -10.73
N ASP D 253 -2.09 14.55 -11.42
CA ASP D 253 -0.64 14.65 -11.60
C ASP D 253 -0.24 13.90 -12.91
N SER D 254 0.91 14.27 -13.47
CA SER D 254 1.43 13.66 -14.70
C SER D 254 1.75 12.17 -14.61
N SER D 255 2.39 11.77 -13.52
CA SER D 255 2.84 10.40 -13.34
C SER D 255 1.70 9.43 -13.02
N ARG D 256 1.71 8.27 -13.63
CA ARG D 256 0.68 7.28 -13.38
C ARG D 256 0.97 6.63 -12.03
N TRP D 257 2.22 6.74 -11.62
CA TRP D 257 2.67 6.15 -10.38
C TRP D 257 2.09 6.85 -9.14
N THR D 258 1.86 8.15 -9.30
CA THR D 258 1.23 8.98 -8.29
C THR D 258 -0.21 8.51 -8.10
N THR D 259 -0.94 8.41 -9.19
CA THR D 259 -2.34 7.99 -9.14
C THR D 259 -2.48 6.59 -8.50
N LEU D 260 -1.46 5.76 -8.71
CA LEU D 260 -1.43 4.42 -8.16
C LEU D 260 -1.17 4.31 -6.66
N LEU D 261 -0.30 5.21 -6.16
CA LEU D 261 0.17 5.17 -4.78
C LEU D 261 -0.31 6.25 -3.84
N ILE D 262 -0.87 7.33 -4.41
CA ILE D 262 -1.26 8.52 -3.65
C ILE D 262 -2.34 8.32 -2.61
N ARG D 263 -3.36 7.53 -2.92
CA ARG D 263 -4.43 7.31 -1.99
C ARG D 263 -4.00 6.47 -0.81
N ASN D 264 -4.60 6.76 0.34
CA ASN D 264 -4.28 6.10 1.59
C ASN D 264 -5.53 5.38 2.08
N PRO D 265 -5.80 4.21 1.47
CA PRO D 265 -6.99 3.46 1.90
C PRO D 265 -6.97 3.16 3.38
N CYS D 266 -5.80 2.87 3.94
CA CYS D 266 -5.68 2.54 5.36
C CYS D 266 -6.17 3.67 6.30
N ARG D 267 -5.98 4.92 5.88
CA ARG D 267 -6.41 6.06 6.68
C ARG D 267 -7.93 6.05 6.69
N LYS D 268 -8.51 5.71 5.56
CA LYS D 268 -9.97 5.67 5.44
C LYS D 268 -10.53 4.60 6.39
N ILE D 269 -9.86 3.45 6.39
CA ILE D 269 -10.26 2.33 7.23
C ILE D 269 -10.18 2.70 8.68
N LEU D 270 -9.06 3.28 9.10
CA LEU D 270 -8.88 3.69 10.49
C LEU D 270 -9.99 4.66 10.96
N GLU D 271 -10.24 5.68 10.14
CA GLU D 271 -11.26 6.70 10.43
C GLU D 271 -12.63 6.07 10.69
N GLU D 272 -12.96 5.07 9.89
CA GLU D 272 -14.18 4.28 10.06
C GLU D 272 -14.12 3.46 11.35
N LEU D 273 -13.02 2.80 11.62
CA LEU D 273 -12.89 2.02 12.85
C LEU D 273 -13.08 2.91 14.08
N TYR D 274 -12.41 4.05 14.07
CA TYR D 274 -12.44 4.98 15.19
C TYR D 274 -13.78 5.65 15.38
N SER D 275 -14.61 5.66 14.33
CA SER D 275 -15.88 6.32 14.41
C SER D 275 -16.82 5.65 15.40
N THR D 276 -16.59 4.38 15.65
CA THR D 276 -17.49 3.63 16.52
C THR D 276 -17.19 3.93 18.00
N SER D 277 -16.09 4.65 18.24
CA SER D 277 -15.59 4.91 19.61
C SER D 277 -16.02 6.24 20.23
N TYR D 278 -16.75 7.04 19.47
CA TYR D 278 -17.20 8.34 19.98
C TYR D 278 -18.69 8.64 19.67
N ASN D 279 -19.30 9.36 20.60
CA ASN D 279 -20.71 9.71 20.53
C ASN D 279 -20.86 11.23 20.43
N MET D 280 -21.48 11.68 19.34
CA MET D 280 -21.61 13.10 19.09
C MET D 280 -22.97 13.75 19.29
N ASP D 281 -24.01 12.94 19.42
CA ASP D 281 -25.34 13.48 19.65
C ASP D 281 -25.41 14.36 20.92
PA NAP E . 21.19 -24.08 -11.64
O1A NAP E . 22.57 -23.45 -11.48
O2A NAP E . 20.61 -24.28 -13.03
O5B NAP E . 21.16 -25.50 -10.87
C5B NAP E . 19.89 -26.17 -10.74
C4B NAP E . 20.08 -27.39 -9.84
O4B NAP E . 18.89 -28.22 -9.84
C3B NAP E . 21.27 -28.23 -10.33
O3B NAP E . 21.95 -28.76 -9.17
C2B NAP E . 20.58 -29.40 -11.08
O2B NAP E . 21.49 -30.50 -11.02
C1B NAP E . 19.29 -29.58 -10.23
N9A NAP E . 18.23 -30.24 -10.95
C8A NAP E . 17.79 -29.97 -12.25
N7A NAP E . 16.83 -30.80 -12.68
C5A NAP E . 16.62 -31.66 -11.57
C6A NAP E . 15.76 -32.76 -11.35
N6A NAP E . 14.85 -33.25 -12.26
N1A NAP E . 15.83 -33.41 -10.17
C2A NAP E . 16.68 -32.98 -9.22
N3A NAP E . 17.56 -31.95 -9.30
C4A NAP E . 17.48 -31.33 -10.51
O3 NAP E . 20.16 -23.23 -10.74
PN NAP E . 20.33 -21.81 -10.02
O1N NAP E . 21.38 -21.88 -8.95
O2N NAP E . 20.29 -20.70 -11.06
O5D NAP E . 18.89 -21.70 -9.23
C5D NAP E . 18.68 -22.32 -7.95
C4D NAP E . 17.31 -21.80 -7.43
O4D NAP E . 17.47 -20.40 -7.65
C3D NAP E . 16.06 -22.26 -8.28
O3D NAP E . 14.94 -22.70 -7.48
C2D NAP E . 15.68 -20.98 -9.07
O2D NAP E . 14.28 -20.79 -9.32
C1D NAP E . 16.24 -19.91 -8.14
N1N NAP E . 16.42 -18.61 -8.82
C2N NAP E . 17.51 -18.45 -9.64
C3N NAP E . 17.72 -17.23 -10.30
C7N NAP E . 18.91 -17.10 -11.19
O7N NAP E . 19.11 -16.01 -11.72
N7N NAP E . 19.83 -18.13 -11.28
C4N NAP E . 16.80 -16.19 -10.10
C5N NAP E . 15.69 -16.39 -9.26
C6N NAP E . 15.51 -17.61 -8.63
P2B NAP E . 21.40 -31.84 -11.93
O1X NAP E . 22.75 -32.41 -11.66
O2X NAP E . 20.24 -32.66 -11.42
O3X NAP E . 21.20 -31.38 -13.36
C13 311 F . 15.54 -18.24 -13.24
C18 311 F . 12.53 -13.05 -17.50
C17 311 F . 14.55 -14.56 -12.61
C16 311 F . 14.05 -12.76 -14.09
C15 311 F . 13.68 -12.40 -15.53
C19 311 F . 14.58 -16.06 -12.51
C20 311 F . 15.36 -18.75 -14.70
C11 311 F . 16.49 -18.15 -15.57
C12 311 F . 16.52 -16.13 -14.15
C1 311 F . 12.17 -11.89 -19.64
C2 311 F . 14.00 -18.26 -15.29
C3 311 F . 15.34 -20.32 -14.79
C4 311 F . 14.59 -12.35 -11.75
C5 311 F . 14.27 -11.89 -13.04
C6 311 F . 14.71 -13.74 -11.50
C7 311 F . 13.54 -10.90 -17.63
C8 311 F . 13.95 -11.18 -16.27
C9 311 F . 12.93 -13.32 -16.23
C10 311 F . 16.32 -16.64 -15.59
C14 311 F . 12.78 -11.93 -18.24
N21 311 F . 14.18 -14.10 -13.88
N22 311 F . 15.47 -16.75 -13.26
O23 311 F . 13.75 -16.56 -11.69
F24 311 F . 11.82 -13.97 -18.06
PA NAP G . -19.58 -24.97 -7.58
O1A NAP G . -20.94 -24.40 -7.36
O2A NAP G . -19.16 -26.10 -6.70
O5B NAP G . -19.48 -25.41 -9.14
C5B NAP G . -18.34 -26.11 -9.63
C4B NAP G . -18.63 -26.49 -11.08
O4B NAP G . -17.48 -27.19 -11.64
C3B NAP G . -19.86 -27.44 -11.22
O3B NAP G . -20.55 -27.15 -12.48
C2B NAP G . -19.22 -28.84 -11.31
O2B NAP G . -20.05 -29.77 -12.05
C1B NAP G . -17.94 -28.52 -12.06
N9A NAP G . -16.90 -29.52 -11.84
C8A NAP G . -16.50 -30.09 -10.64
N7A NAP G . -15.52 -30.99 -10.81
C5A NAP G . -15.31 -31.00 -12.18
C6A NAP G . -14.42 -31.73 -13.02
N6A NAP G . -13.53 -32.68 -12.59
N1A NAP G . -14.47 -31.48 -14.34
C2A NAP G . -15.34 -30.57 -14.82
N3A NAP G . -16.22 -29.85 -14.13
C4A NAP G . -16.16 -30.10 -12.82
O3 NAP G . -18.44 -23.83 -7.61
PN NAP G . -18.54 -22.26 -7.31
O1N NAP G . -19.59 -21.58 -8.14
O2N NAP G . -18.54 -22.03 -5.84
O5D NAP G . -17.09 -21.79 -7.90
C5D NAP G . -16.87 -21.69 -9.31
C4D NAP G . -15.54 -20.94 -9.48
O4D NAP G . -15.63 -19.79 -8.57
C3D NAP G . -14.28 -21.72 -9.03
O3D NAP G . -13.15 -21.31 -9.87
C2D NAP G . -14.03 -21.21 -7.61
O2D NAP G . -12.67 -21.37 -7.17
C1D NAP G . -14.43 -19.75 -7.78
N1N NAP G . -14.60 -19.09 -6.45
C2N NAP G . -15.66 -19.43 -5.67
C3N NAP G . -15.84 -18.84 -4.42
C7N NAP G . -17.03 -19.27 -3.61
O7N NAP G . -17.29 -18.73 -2.54
N7N NAP G . -17.92 -20.16 -4.16
C4N NAP G . -14.92 -17.88 -3.95
C5N NAP G . -13.83 -17.53 -4.76
C6N NAP G . -13.69 -18.14 -6.02
P2B NAP G . -19.91 -31.39 -11.91
O1X NAP G . -21.24 -31.87 -12.40
O2X NAP G . -18.76 -31.89 -12.73
O3X NAP G . -19.65 -31.73 -10.48
C13 311 H . -13.88 -21.62 -2.60
C18 311 H . -11.36 -18.51 5.02
C17 311 H . -12.71 -18.35 -0.86
C16 311 H . -12.07 -18.01 1.36
C15 311 H . -11.61 -18.64 2.59
C19 311 H . -12.85 -19.42 -1.89
C20 311 H . -13.74 -23.00 -1.85
C11 311 H . -14.86 -23.01 -0.81
C12 311 H . -14.66 -20.53 -0.47
C1 311 H . -10.25 -20.24 6.46
C2 311 H . -12.35 -22.95 -1.02
C3 311 H . -13.83 -24.26 -2.79
C4 311 H . -12.59 -16.15 -0.05
C5 311 H . -12.23 -16.67 1.18
C6 311 H . -12.88 -17.02 -1.05
C7 311 H . -10.47 -20.45 3.86
C8 311 H . -10.93 -19.90 2.64
C9 311 H . -11.80 -17.92 3.81
C10 311 H . -14.52 -21.84 0.28
C14 311 H . -10.72 -19.77 5.08
N21 311 H . -12.23 -18.81 0.32
N22 311 H . -13.78 -20.48 -1.65
O23 311 H . -12.09 -19.32 -2.83
F24 311 H . -11.66 -17.89 6.21
PA NAP I . -1.16 18.21 29.32
O1A NAP I . -1.11 17.19 30.40
O2A NAP I . -2.47 18.96 29.03
O5B NAP I . 0.10 19.21 29.52
C5B NAP I . 0.49 20.11 28.51
C4B NAP I . 1.71 20.91 28.97
O4B NAP I . 1.85 22.04 28.05
C3B NAP I . 1.55 21.51 30.38
O3B NAP I . 2.81 21.63 31.08
C2B NAP I . 1.08 22.93 30.15
O2B NAP I . 1.53 23.64 31.32
C1B NAP I . 1.88 23.24 28.86
N9A NAP I . 1.34 24.38 28.16
C8A NAP I . -0.01 24.62 27.91
N7A NAP I . -0.19 25.78 27.31
C5A NAP I . 1.10 26.34 27.16
C6A NAP I . 1.58 27.56 26.60
N6A NAP I . 0.76 28.54 26.06
N1A NAP I . 2.93 27.81 26.62
C2A NAP I . 3.73 26.88 27.16
N3A NAP I . 3.39 25.71 27.72
C4A NAP I . 2.05 25.49 27.69
O3 NAP I . -0.79 17.55 27.91
PN NAP I . -0.56 16.04 27.48
O1N NAP I . 0.49 15.32 28.30
O2N NAP I . -1.95 15.45 27.26
O5D NAP I . 0.00 16.32 25.94
C5D NAP I . 1.39 16.47 25.65
C4D NAP I . 1.62 16.22 24.16
O4D NAP I . 1.04 14.92 23.83
C3D NAP I . 0.92 17.25 23.27
O3D NAP I . 1.76 17.63 22.18
C2D NAP I . -0.29 16.48 22.72
O2D NAP I . -0.63 16.96 21.43
C1D NAP I . 0.23 15.05 22.67
N1N NAP I . -0.88 14.04 22.66
C2N NAP I . -1.62 13.84 23.78
C3N NAP I . -2.63 12.90 23.73
C7N NAP I . -3.48 12.62 24.95
O7N NAP I . -4.34 11.74 24.90
N7N NAP I . -3.12 13.15 26.15
C4N NAP I . -2.84 12.17 22.55
C5N NAP I . -2.07 12.38 21.45
C6N NAP I . -1.08 13.34 21.52
P2B NAP I . 1.06 25.14 31.70
O1X NAP I . 1.49 25.33 33.15
O2X NAP I . 1.77 26.05 30.68
O3X NAP I . -0.41 25.18 31.48
C13 311 J . -5.28 15.39 22.59
C18 311 J . -11.92 11.21 19.28
C17 311 J . -6.18 12.30 20.48
C16 311 J . -8.26 11.52 19.79
C15 311 J . -9.63 11.92 19.60
C19 311 J . -5.54 13.52 20.97
C20 311 J . -6.46 16.34 22.82
C11 311 J . -7.49 15.77 23.92
C12 311 J . -6.90 13.44 23.13
C1 311 J . -13.91 12.61 18.79
C2 311 J . -7.12 16.62 21.41
C3 311 J . -5.96 17.75 23.36
C4 311 J . -6.33 10.03 19.54
C5 311 J . -7.71 10.29 19.41
C6 311 J . -5.53 11.06 20.06
C7 311 J . -11.45 13.54 19.07
C8 311 J . -10.08 13.24 19.32
C9 311 J . -10.57 10.90 19.53
C10 311 J . -8.00 14.39 23.46
C14 311 J . -12.40 12.47 19.04
N21 311 J . -7.50 12.54 20.27
N22 311 J . -5.90 14.10 22.16
O23 311 J . -4.60 13.92 20.29
F24 311 J . -12.77 10.22 19.33
PA NAP K . -0.23 31.42 -9.52
O1A NAP K . -0.43 31.36 -11.02
O2A NAP K . 1.14 31.82 -8.94
O5B NAP K . -1.44 32.37 -8.99
C5B NAP K . -1.65 32.61 -7.61
C4B NAP K . -2.90 33.49 -7.49
O4B NAP K . -3.10 33.88 -6.09
C3B NAP K . -2.73 34.79 -8.30
O3B NAP K . -4.02 35.27 -8.70
C2B NAP K . -2.19 35.77 -7.28
O2B NAP K . -2.52 37.08 -7.76
C1B NAP K . -2.99 35.32 -6.03
N9A NAP K . -2.37 35.77 -4.79
C8A NAP K . -1.03 35.78 -4.47
N7A NAP K . -0.83 36.32 -3.26
C5A NAP K . -2.09 36.69 -2.78
C6A NAP K . -2.54 37.30 -1.59
N6A NAP K . -1.72 37.74 -0.56
N1A NAP K . -3.87 37.52 -1.47
C2A NAP K . -4.72 37.14 -2.45
N3A NAP K . -4.38 36.55 -3.61
C4A NAP K . -3.06 36.36 -3.72
O3 NAP K . -0.67 30.07 -8.82
PN NAP K . -0.96 28.62 -9.35
O1N NAP K . -2.18 28.61 -10.22
O2N NAP K . 0.33 27.95 -9.72
O5D NAP K . -1.45 27.94 -7.94
C5D NAP K . -2.81 28.00 -7.52
C4D NAP K . -3.07 26.86 -6.50
O4D NAP K . -2.59 25.62 -7.08
C3D NAP K . -2.35 27.03 -5.16
O3D NAP K . -3.25 26.70 -4.09
C2D NAP K . -1.20 25.99 -5.26
O2D NAP K . -0.70 25.50 -4.02
C1D NAP K . -1.85 24.91 -6.08
N1N NAP K . -0.84 23.97 -6.68
C2N NAP K . -0.15 24.37 -7.79
C3N NAP K . 0.81 23.55 -8.39
C7N NAP K . 1.54 24.07 -9.61
O7N NAP K . 2.49 23.47 -10.08
N7N NAP K . 1.20 25.26 -10.15
C4N NAP K . 1.03 22.26 -7.83
C5N NAP K . 0.29 21.85 -6.70
C6N NAP K . -0.64 22.73 -6.15
P2B NAP K . -2.04 38.46 -7.05
O1X NAP K . -2.55 39.51 -8.00
O2X NAP K . -2.60 38.63 -5.65
O3X NAP K . -0.53 38.40 -7.03
C13 311 L . 3.52 24.75 -5.95
C18 311 L . 9.68 20.36 -4.51
C17 311 L . 4.43 21.04 -6.23
C16 311 L . 6.43 19.66 -6.28
C15 311 L . 7.91 19.55 -5.99
C19 311 L . 3.83 22.38 -5.82
C20 311 L . 4.78 25.65 -5.54
C11 311 L . 5.78 25.73 -6.77
C12 311 L . 4.96 23.56 -7.79
C1 311 L . 12.11 19.84 -4.51
C2 311 L . 5.44 25.05 -4.24
C3 311 L . 4.48 27.09 -5.12
C4 311 L . 4.26 18.89 -6.91
C5 311 L . 5.63 18.66 -6.76
C6 311 L . 3.65 20.05 -6.65
C7 311 L . 10.36 18.71 -6.24
C8 311 L . 8.95 18.72 -6.60
C9 311 L . 8.36 20.37 -4.90
C10 311 L . 6.24 24.32 -7.31
C14 311 L . 10.68 19.60 -5.08
N21 311 L . 5.78 20.86 -5.94
N22 311 L . 4.10 23.51 -6.53
O23 311 L . 2.81 22.37 -5.07
F24 311 L . 9.93 21.21 -3.54
#